data_3QBT
#
_entry.id   3QBT
#
_cell.length_a   157.147
_cell.length_b   55.340
_cell.length_c   173.836
_cell.angle_alpha   90.000
_cell.angle_beta   91.930
_cell.angle_gamma   90.000
#
_symmetry.space_group_name_H-M   'C 1 2 1'
#
loop_
_entity.id
_entity.type
_entity.pdbx_description
1 polymer 'Ras-related protein Rab-8A'
2 polymer 'Inositol polyphosphate 5-phosphatase OCRL-1'
3 non-polymer 'MAGNESIUM ION'
4 non-polymer 'PHOSPHOAMINOPHOSPHONIC ACID-GUANYLATE ESTER'
5 non-polymer 'SULFATE ION'
6 water water
#
loop_
_entity_poly.entity_id
_entity_poly.type
_entity_poly.pdbx_seq_one_letter_code
_entity_poly.pdbx_strand_id
1 'polypeptide(L)'
;GHMDYLFKLLLIGDSGVGKTCVLFRFSEDAFNSTFISTIGIDFKIRTIELDGKRIKLQIWDTAGQERFRTITTAYYRGAM
GIMLVYDITNEKSFDNIRNWIRNIEEHASADVEKMILGNKCDVNDKRQVSKERGEKLALDYGIKFMETSAKANINVENAF
FTLARDIKAKMDKK
;
A,C,E,G
2 'polypeptide(L)'
;GERRYRKVFEDSVRIMDRMENDFLPSLELSRREFVFENVKFRQLQKEKFQISNNGQVPCHFSFIPKLNDSQYCKPWLRAE
PFEGYLEPNETVDISLDVYVSKDSVTILNSGEDKIEDILVLHLDRGKDYFLTISGNYLPS
;
B,D,F,H
#
loop_
_chem_comp.id
_chem_comp.type
_chem_comp.name
_chem_comp.formula
GNP non-polymer 'PHOSPHOAMINOPHOSPHONIC ACID-GUANYLATE ESTER' 'C10 H17 N6 O13 P3'
MG non-polymer 'MAGNESIUM ION' 'Mg 2'
SO4 non-polymer 'SULFATE ION' 'O4 S -2'
#
# COMPACT_ATOMS: atom_id res chain seq x y z
N TYR A 5 15.94 23.55 -20.84
CA TYR A 5 14.79 24.13 -21.58
C TYR A 5 13.78 23.04 -21.91
N LEU A 6 12.51 23.29 -21.57
CA LEU A 6 11.44 22.39 -21.98
C LEU A 6 10.35 23.21 -22.69
N PHE A 7 10.14 22.96 -23.99
CA PHE A 7 9.13 23.70 -24.75
C PHE A 7 7.95 22.81 -25.04
N LYS A 8 6.75 23.26 -24.68
CA LYS A 8 5.53 22.54 -25.05
C LYS A 8 5.08 23.03 -26.39
N LEU A 9 4.99 22.13 -27.36
CA LEU A 9 4.50 22.48 -28.69
C LEU A 9 3.19 21.79 -29.02
N LEU A 10 2.40 22.38 -29.91
CA LEU A 10 1.10 21.83 -30.21
C LEU A 10 0.86 21.87 -31.71
N LEU A 11 0.36 20.78 -32.30
CA LEU A 11 0.00 20.72 -33.74
C LEU A 11 -1.49 20.76 -33.90
N ILE A 12 -1.99 21.72 -34.68
CA ILE A 12 -3.44 21.84 -34.86
C ILE A 12 -3.74 22.02 -36.35
N GLY A 13 -5.00 21.86 -36.72
CA GLY A 13 -5.40 21.92 -38.11
C GLY A 13 -6.36 20.79 -38.38
N ASP A 14 -7.04 20.86 -39.52
CA ASP A 14 -8.13 19.98 -39.90
C ASP A 14 -7.73 18.49 -39.86
N SER A 15 -8.72 17.64 -39.70
CA SER A 15 -8.50 16.20 -39.80
C SER A 15 -7.96 15.83 -41.19
N GLY A 16 -6.90 15.03 -41.21
CA GLY A 16 -6.33 14.50 -42.46
C GLY A 16 -5.17 15.28 -43.07
N VAL A 17 -4.77 16.39 -42.47
CA VAL A 17 -3.76 17.24 -43.10
C VAL A 17 -2.35 16.66 -42.93
N GLY A 18 -2.18 15.72 -41.98
CA GLY A 18 -0.89 15.10 -41.72
C GLY A 18 -0.19 15.42 -40.41
N LYS A 19 -0.89 15.94 -39.41
CA LYS A 19 -0.26 16.22 -38.12
C LYS A 19 0.43 15.01 -37.51
N THR A 20 -0.26 13.88 -37.42
CA THR A 20 0.36 12.69 -36.80
C THR A 20 1.58 12.24 -37.59
N CYS A 21 1.50 12.30 -38.93
CA CYS A 21 2.63 11.90 -39.74
C CYS A 21 3.77 12.88 -39.58
N VAL A 22 3.46 14.17 -39.45
CA VAL A 22 4.55 15.15 -39.30
C VAL A 22 5.31 14.87 -38.00
N LEU A 23 4.55 14.61 -36.95
CA LEU A 23 5.18 14.25 -35.68
C LEU A 23 5.97 12.94 -35.72
N PHE A 24 5.41 11.92 -36.38
CA PHE A 24 6.08 10.64 -36.52
C PHE A 24 7.39 10.80 -37.31
N ARG A 25 7.35 11.59 -38.38
CA ARG A 25 8.57 11.88 -39.13
C ARG A 25 9.64 12.58 -38.26
N PHE A 26 9.26 13.58 -37.48
CA PHE A 26 10.23 14.32 -36.66
C PHE A 26 10.78 13.48 -35.49
N SER A 27 9.95 12.66 -34.88
CA SER A 27 10.38 11.90 -33.71
C SER A 27 10.97 10.53 -34.09
N GLU A 28 10.39 9.85 -35.08
CA GLU A 28 10.84 8.51 -35.46
C GLU A 28 11.60 8.48 -36.80
N ASP A 29 11.65 9.62 -37.48
CA ASP A 29 12.28 9.72 -38.82
C ASP A 29 11.79 8.56 -39.69
N ALA A 30 10.47 8.43 -39.78
CA ALA A 30 9.83 7.41 -40.59
C ALA A 30 8.47 7.88 -41.07
N PHE A 31 7.90 7.16 -42.03
CA PHE A 31 6.58 7.45 -42.52
C PHE A 31 5.82 6.13 -42.64
N ASN A 32 4.64 6.11 -42.05
CA ASN A 32 3.75 4.97 -42.11
C ASN A 32 2.46 5.46 -42.76
N SER A 33 2.08 4.85 -43.88
CA SER A 33 0.93 5.32 -44.65
C SER A 33 -0.41 4.77 -44.14
N THR A 34 -0.39 3.99 -43.05
CA THR A 34 -1.65 3.40 -42.56
C THR A 34 -2.11 3.96 -41.22
N PHE A 35 -1.77 5.23 -40.94
CA PHE A 35 -2.23 5.84 -39.69
C PHE A 35 -3.75 6.09 -39.68
N ILE A 36 -4.31 5.90 -38.50
CA ILE A 36 -5.68 6.18 -38.20
C ILE A 36 -5.80 7.62 -37.63
N SER A 37 -6.96 8.20 -37.82
CA SER A 37 -7.31 9.47 -37.23
C SER A 37 -7.12 9.40 -35.71
N THR A 38 -6.64 10.51 -35.14
CA THR A 38 -6.39 10.64 -33.73
C THR A 38 -7.68 10.90 -32.93
N ILE A 39 -8.03 9.92 -32.10
CA ILE A 39 -9.23 10.00 -31.27
C ILE A 39 -8.79 10.26 -29.84
N GLY A 40 -8.43 11.50 -29.57
CA GLY A 40 -7.83 11.89 -28.32
C GLY A 40 -6.74 12.91 -28.54
N ILE A 41 -5.76 12.91 -27.66
CA ILE A 41 -4.65 13.84 -27.81
C ILE A 41 -3.42 13.13 -27.26
N ASP A 42 -2.33 13.18 -28.04
CA ASP A 42 -1.12 12.45 -27.67
C ASP A 42 0.05 13.40 -27.66
N PHE A 43 1.17 12.95 -27.10
CA PHE A 43 2.39 13.75 -27.18
C PHE A 43 3.59 12.86 -27.26
N LYS A 44 4.65 13.41 -27.85
CA LYS A 44 5.92 12.72 -27.90
C LYS A 44 7.04 13.68 -27.57
N ILE A 45 8.14 13.11 -27.10
CA ILE A 45 9.33 13.84 -26.70
C ILE A 45 10.39 13.77 -27.81
N ARG A 46 10.96 14.94 -28.14
CA ARG A 46 12.09 15.01 -29.05
C ARG A 46 13.02 16.11 -28.58
N THR A 47 14.27 15.74 -28.36
CA THR A 47 15.29 16.66 -27.86
C THR A 47 16.10 17.22 -29.03
N ILE A 48 16.33 18.53 -29.00
CA ILE A 48 17.18 19.16 -29.98
C ILE A 48 18.26 19.98 -29.25
N GLU A 49 19.22 20.53 -29.99
CA GLU A 49 20.21 21.41 -29.38
C GLU A 49 20.29 22.76 -30.09
N LEU A 50 20.26 23.83 -29.29
CA LEU A 50 20.39 25.20 -29.80
C LEU A 50 21.30 26.03 -28.90
N ASP A 51 22.25 26.74 -29.52
CA ASP A 51 23.22 27.59 -28.78
C ASP A 51 23.94 26.78 -27.70
N GLY A 52 24.23 25.51 -28.01
CA GLY A 52 24.82 24.61 -27.04
C GLY A 52 23.91 24.26 -25.87
N LYS A 53 22.60 24.47 -26.03
CA LYS A 53 21.65 24.08 -24.99
C LYS A 53 20.81 22.92 -25.48
N ARG A 54 20.51 21.99 -24.58
CA ARG A 54 19.62 20.88 -24.91
C ARG A 54 18.17 21.29 -24.61
N ILE A 55 17.35 21.26 -25.64
CA ILE A 55 15.98 21.70 -25.52
C ILE A 55 15.10 20.48 -25.69
N LYS A 56 14.31 20.16 -24.67
CA LYS A 56 13.38 19.05 -24.76
C LYS A 56 12.07 19.58 -25.34
N LEU A 57 11.68 19.02 -26.48
CA LEU A 57 10.39 19.39 -27.06
C LEU A 57 9.34 18.37 -26.66
N GLN A 58 8.26 18.84 -26.05
CA GLN A 58 7.14 17.98 -25.70
C GLN A 58 6.06 18.36 -26.69
N ILE A 59 5.79 17.49 -27.66
CA ILE A 59 4.95 17.88 -28.79
C ILE A 59 3.63 17.17 -28.78
N TRP A 60 2.56 17.93 -28.62
CA TRP A 60 1.19 17.42 -28.52
C TRP A 60 0.48 17.41 -29.87
N ASP A 61 -0.09 16.27 -30.20
CA ASP A 61 -0.71 16.04 -31.49
C ASP A 61 -2.23 15.91 -31.25
N THR A 62 -3.02 16.81 -31.82
CA THR A 62 -4.44 16.92 -31.51
C THR A 62 -5.32 16.17 -32.48
N ALA A 63 -6.57 15.97 -32.08
CA ALA A 63 -7.58 15.42 -32.97
C ALA A 63 -8.19 16.55 -33.80
N GLY A 64 -8.16 16.42 -35.11
CA GLY A 64 -8.64 17.51 -35.96
C GLY A 64 -10.09 17.37 -36.36
N GLN A 65 -10.69 16.23 -36.03
CA GLN A 65 -12.12 16.03 -36.31
C GLN A 65 -13.00 17.04 -35.60
N GLU A 66 -13.98 17.60 -36.34
CA GLU A 66 -14.89 18.66 -35.87
C GLU A 66 -15.47 18.44 -34.45
N ARG A 67 -15.91 17.22 -34.16
CA ARG A 67 -16.61 16.93 -32.91
C ARG A 67 -15.74 17.06 -31.68
N PHE A 68 -14.42 17.12 -31.86
CA PHE A 68 -13.49 17.17 -30.75
C PHE A 68 -12.83 18.54 -30.65
N ARG A 69 -13.18 19.46 -31.55
CA ARG A 69 -12.44 20.72 -31.63
C ARG A 69 -12.59 21.58 -30.37
N THR A 70 -13.82 21.72 -29.89
CA THR A 70 -14.08 22.46 -28.67
C THR A 70 -13.36 21.87 -27.46
N ILE A 71 -13.53 20.56 -27.22
CA ILE A 71 -12.80 19.84 -26.16
C ILE A 71 -11.29 20.11 -26.20
N THR A 72 -10.75 20.15 -27.41
CA THR A 72 -9.31 20.23 -27.62
C THR A 72 -8.72 21.57 -27.26
N THR A 73 -9.56 22.60 -27.19
CA THR A 73 -9.06 23.94 -26.84
C THR A 73 -8.52 24.00 -25.44
N ALA A 74 -9.00 23.08 -24.58
CA ALA A 74 -8.48 22.93 -23.23
C ALA A 74 -6.95 22.71 -23.21
N TYR A 75 -6.41 22.09 -24.26
CA TYR A 75 -5.01 21.72 -24.27
C TYR A 75 -4.09 22.82 -24.81
N TYR A 76 -4.65 23.94 -25.28
CA TYR A 76 -3.85 25.07 -25.82
C TYR A 76 -3.07 25.80 -24.74
N ARG A 77 -3.63 25.86 -23.53
CA ARG A 77 -3.06 26.60 -22.39
C ARG A 77 -1.52 26.56 -22.20
N GLY A 78 -0.92 25.39 -22.10
CA GLY A 78 0.53 25.40 -21.89
C GLY A 78 1.45 25.70 -23.09
N ALA A 79 0.87 25.71 -24.29
CA ALA A 79 1.66 25.77 -25.54
C ALA A 79 2.60 26.97 -25.64
N MET A 80 3.85 26.71 -25.98
CA MET A 80 4.81 27.79 -26.21
C MET A 80 5.02 28.04 -27.69
N GLY A 81 4.67 27.03 -28.50
CA GLY A 81 4.75 27.18 -29.94
C GLY A 81 3.68 26.30 -30.54
N ILE A 82 3.06 26.80 -31.62
CA ILE A 82 1.99 26.09 -32.31
C ILE A 82 2.24 26.02 -33.80
N MET A 83 2.23 24.80 -34.35
CA MET A 83 2.21 24.60 -35.78
C MET A 83 0.78 24.58 -36.28
N LEU A 84 0.49 25.44 -37.24
CA LEU A 84 -0.82 25.45 -37.95
C LEU A 84 -0.67 24.67 -39.25
N VAL A 85 -1.29 23.51 -39.36
CA VAL A 85 -1.01 22.62 -40.50
C VAL A 85 -2.20 22.52 -41.44
N TYR A 86 -1.94 22.71 -42.73
CA TYR A 86 -2.96 22.48 -43.75
C TYR A 86 -2.37 21.53 -44.76
N ASP A 87 -3.16 21.13 -45.74
CA ASP A 87 -2.81 20.11 -46.73
C ASP A 87 -2.82 20.87 -48.03
N ILE A 88 -1.70 20.91 -48.74
CA ILE A 88 -1.62 21.70 -50.00
C ILE A 88 -2.61 21.19 -51.06
N THR A 89 -3.09 19.96 -50.88
CA THR A 89 -4.04 19.35 -51.82
C THR A 89 -5.48 19.59 -51.41
N ASN A 90 -5.69 20.36 -50.34
CA ASN A 90 -7.03 20.65 -49.81
C ASN A 90 -7.22 22.13 -49.46
N GLU A 91 -7.83 22.88 -50.40
CA GLU A 91 -8.12 24.32 -50.23
C GLU A 91 -8.94 24.60 -48.97
N LYS A 92 -9.89 23.73 -48.64
CA LYS A 92 -10.66 23.92 -47.38
C LYS A 92 -9.75 23.94 -46.14
N SER A 93 -8.76 23.06 -46.09
CA SER A 93 -7.88 23.00 -44.92
C SER A 93 -7.08 24.31 -44.79
N PHE A 94 -6.75 24.92 -45.91
CA PHE A 94 -6.08 26.22 -45.94
C PHE A 94 -6.96 27.42 -45.59
N ASP A 95 -8.17 27.46 -46.17
CA ASP A 95 -9.20 28.45 -45.79
C ASP A 95 -9.38 28.50 -44.27
N ASN A 96 -9.49 27.31 -43.67
CA ASN A 96 -9.69 27.19 -42.22
C ASN A 96 -8.56 27.70 -41.33
N ILE A 97 -7.39 28.02 -41.92
CA ILE A 97 -6.22 28.44 -41.13
C ILE A 97 -6.51 29.72 -40.36
N ARG A 98 -7.27 30.63 -40.99
CA ARG A 98 -7.66 31.86 -40.31
C ARG A 98 -8.48 31.53 -39.06
N ASN A 99 -9.33 30.51 -39.17
CA ASN A 99 -10.16 30.10 -38.04
C ASN A 99 -9.32 29.48 -36.95
N TRP A 100 -8.29 28.72 -37.33
CA TRP A 100 -7.36 28.16 -36.35
C TRP A 100 -6.58 29.24 -35.62
N ILE A 101 -6.19 30.27 -36.34
CA ILE A 101 -5.50 31.41 -35.77
C ILE A 101 -6.36 32.13 -34.72
N ARG A 102 -7.63 32.36 -35.05
CA ARG A 102 -8.61 32.87 -34.06
C ARG A 102 -8.68 32.01 -32.79
N ASN A 103 -8.64 30.69 -32.94
CA ASN A 103 -8.61 29.77 -31.80
C ASN A 103 -7.41 29.99 -30.90
N ILE A 104 -6.24 30.11 -31.54
CA ILE A 104 -4.97 30.41 -30.85
C ILE A 104 -5.09 31.76 -30.10
N GLU A 105 -5.62 32.78 -30.77
CA GLU A 105 -5.75 34.10 -30.15
C GLU A 105 -6.66 34.04 -28.92
N GLU A 106 -7.69 33.20 -28.98
CA GLU A 106 -8.66 33.07 -27.89
C GLU A 106 -8.19 32.20 -26.72
N HIS A 107 -7.61 31.05 -27.05
CA HIS A 107 -7.37 30.03 -26.05
C HIS A 107 -5.91 29.82 -25.70
N ALA A 108 -4.99 30.40 -26.47
CA ALA A 108 -3.60 30.25 -26.12
C ALA A 108 -3.05 31.55 -25.58
N SER A 109 -1.81 31.48 -25.13
CA SER A 109 -1.03 32.60 -24.68
C SER A 109 -0.88 33.66 -25.77
N ALA A 110 -0.97 34.92 -25.37
CA ALA A 110 -0.85 36.02 -26.32
C ALA A 110 0.52 36.06 -27.00
N ASP A 111 1.55 35.55 -26.31
CA ASP A 111 2.92 35.58 -26.85
C ASP A 111 3.41 34.22 -27.34
N VAL A 112 2.46 33.33 -27.67
CA VAL A 112 2.78 32.04 -28.25
C VAL A 112 3.41 32.22 -29.64
N GLU A 113 4.48 31.46 -29.91
CA GLU A 113 5.04 31.45 -31.26
C GLU A 113 4.22 30.55 -32.17
N LYS A 114 4.00 31.00 -33.41
CA LYS A 114 3.17 30.27 -34.38
C LYS A 114 3.93 30.06 -35.69
N MET A 115 3.57 29.00 -36.40
CA MET A 115 4.16 28.73 -37.71
C MET A 115 3.15 27.99 -38.56
N ILE A 116 3.11 28.31 -39.85
CA ILE A 116 2.19 27.64 -40.78
C ILE A 116 2.93 26.61 -41.61
N LEU A 117 2.39 25.40 -41.65
CA LEU A 117 2.97 24.30 -42.41
C LEU A 117 1.98 23.87 -43.47
N GLY A 118 2.42 23.92 -44.72
CA GLY A 118 1.63 23.42 -45.83
C GLY A 118 2.16 22.04 -46.11
N ASN A 119 1.50 21.03 -45.60
CA ASN A 119 1.99 19.66 -45.67
C ASN A 119 1.54 18.91 -46.94
N LYS A 120 2.14 17.77 -47.19
CA LYS A 120 1.92 16.93 -48.39
C LYS A 120 2.47 17.59 -49.67
N CYS A 121 3.55 18.35 -49.53
CA CYS A 121 4.13 19.02 -50.69
C CYS A 121 4.72 18.06 -51.75
N ASP A 122 4.69 16.75 -51.43
CA ASP A 122 5.05 15.71 -52.38
C ASP A 122 3.94 15.41 -53.39
N VAL A 123 2.72 15.85 -53.10
CA VAL A 123 1.60 15.58 -53.99
C VAL A 123 1.27 16.81 -54.82
N ASN A 124 2.20 17.22 -55.68
CA ASN A 124 1.98 18.41 -56.48
C ASN A 124 0.95 18.25 -57.61
N ASP A 125 0.70 17.04 -58.03
CA ASP A 125 -0.34 16.74 -59.02
C ASP A 125 -1.74 17.04 -58.53
N LYS A 126 -1.92 17.00 -57.22
CA LYS A 126 -3.23 17.25 -56.66
C LYS A 126 -3.22 18.54 -55.88
N ARG A 127 -2.18 19.35 -56.09
CA ARG A 127 -2.06 20.61 -55.38
C ARG A 127 -3.24 21.52 -55.67
N GLN A 128 -3.82 22.05 -54.59
CA GLN A 128 -4.89 23.04 -54.71
C GLN A 128 -4.40 24.42 -54.22
N VAL A 129 -3.45 24.43 -53.27
CA VAL A 129 -3.00 25.67 -52.69
C VAL A 129 -1.61 25.99 -53.17
N SER A 130 -1.45 27.14 -53.85
CA SER A 130 -0.11 27.53 -54.32
C SER A 130 0.81 27.94 -53.15
N LYS A 131 2.10 27.72 -53.31
CA LYS A 131 3.09 28.13 -52.29
C LYS A 131 3.04 29.64 -52.06
N GLU A 132 2.89 30.41 -53.14
CA GLU A 132 2.76 31.87 -53.01
C GLU A 132 1.60 32.27 -52.12
N ARG A 133 0.47 31.56 -52.20
CA ARG A 133 -0.69 31.89 -51.39
C ARG A 133 -0.39 31.56 -49.91
N GLY A 134 0.27 30.44 -49.68
CA GLY A 134 0.67 30.12 -48.31
C GLY A 134 1.60 31.19 -47.75
N GLU A 135 2.65 31.50 -48.50
CA GLU A 135 3.59 32.53 -48.08
C GLU A 135 2.94 33.88 -47.77
N LYS A 136 2.02 34.32 -48.63
CA LYS A 136 1.32 35.60 -48.45
C LYS A 136 0.41 35.63 -47.21
N LEU A 137 -0.26 34.52 -46.92
CA LEU A 137 -1.08 34.45 -45.70
C LEU A 137 -0.21 34.56 -44.45
N ALA A 138 0.93 33.87 -44.48
CA ALA A 138 1.86 33.87 -43.34
C ALA A 138 2.35 35.28 -43.13
N LEU A 139 2.70 35.94 -44.24
CA LEU A 139 3.19 37.31 -44.26
C LEU A 139 2.17 38.27 -43.64
N ASP A 140 0.92 38.13 -44.08
CA ASP A 140 -0.20 38.91 -43.56
C ASP A 140 -0.29 38.88 -42.04
N TYR A 141 0.03 37.73 -41.44
CA TYR A 141 -0.08 37.57 -39.99
C TYR A 141 1.24 37.77 -39.26
N GLY A 142 2.30 38.07 -40.02
CA GLY A 142 3.65 38.19 -39.47
C GLY A 142 4.22 36.91 -38.87
N ILE A 143 3.84 35.76 -39.41
CA ILE A 143 4.35 34.47 -38.92
C ILE A 143 5.07 33.65 -40.00
N LYS A 144 5.96 32.77 -39.57
CA LYS A 144 6.81 32.01 -40.48
C LYS A 144 6.01 30.92 -41.16
N PHE A 145 6.47 30.52 -42.35
CA PHE A 145 5.75 29.54 -43.17
C PHE A 145 6.74 28.62 -43.84
N MET A 146 6.38 27.35 -43.99
CA MET A 146 7.08 26.53 -44.97
C MET A 146 6.22 25.36 -45.43
N GLU A 147 6.57 24.81 -46.61
CA GLU A 147 5.91 23.62 -47.10
C GLU A 147 6.65 22.40 -46.62
N THR A 148 5.88 21.37 -46.22
CA THR A 148 6.49 20.17 -45.66
C THR A 148 5.98 18.91 -46.38
N SER A 149 6.64 17.80 -46.15
CA SER A 149 6.13 16.52 -46.53
C SER A 149 6.68 15.53 -45.51
N ALA A 150 5.77 14.92 -44.74
CA ALA A 150 6.14 13.87 -43.80
C ALA A 150 6.58 12.64 -44.59
N LYS A 151 5.93 12.40 -45.73
CA LYS A 151 6.27 11.28 -46.63
C LYS A 151 7.65 11.41 -47.23
N ALA A 152 7.94 12.54 -47.87
CA ALA A 152 9.21 12.67 -48.55
C ALA A 152 10.34 13.23 -47.66
N ASN A 153 10.04 13.46 -46.37
CA ASN A 153 11.02 14.05 -45.44
C ASN A 153 11.50 15.39 -45.95
N ILE A 154 10.56 16.25 -46.30
CA ILE A 154 10.89 17.63 -46.74
C ILE A 154 10.49 18.67 -45.65
N ASN A 155 11.49 19.38 -45.13
CA ASN A 155 11.31 20.54 -44.24
C ASN A 155 10.74 20.26 -42.85
N VAL A 156 10.58 19.00 -42.48
CA VAL A 156 9.93 18.70 -41.19
C VAL A 156 10.89 19.09 -40.07
N GLU A 157 12.13 18.59 -40.14
CA GLU A 157 13.11 18.95 -39.16
C GLU A 157 13.31 20.48 -39.16
N ASN A 158 13.42 21.08 -40.34
CA ASN A 158 13.65 22.51 -40.46
C ASN A 158 12.57 23.35 -39.79
N ALA A 159 11.29 22.95 -39.97
CA ALA A 159 10.15 23.60 -39.32
C ALA A 159 10.29 23.62 -37.79
N PHE A 160 10.52 22.45 -37.22
CA PHE A 160 10.59 22.35 -35.75
C PHE A 160 11.76 23.13 -35.12
N PHE A 161 12.93 23.02 -35.73
CA PHE A 161 14.09 23.80 -35.27
C PHE A 161 13.83 25.27 -35.39
N THR A 162 13.14 25.67 -36.46
CA THR A 162 12.85 27.09 -36.67
C THR A 162 11.91 27.63 -35.58
N LEU A 163 10.81 26.91 -35.33
CA LEU A 163 9.88 27.25 -34.24
C LEU A 163 10.58 27.36 -32.88
N ALA A 164 11.43 26.38 -32.55
CA ALA A 164 12.13 26.34 -31.27
C ALA A 164 13.13 27.47 -31.15
N ARG A 165 13.81 27.81 -32.25
CA ARG A 165 14.75 28.93 -32.23
C ARG A 165 14.01 30.24 -31.87
N ASP A 166 12.84 30.45 -32.50
CA ASP A 166 11.99 31.61 -32.23
C ASP A 166 11.55 31.67 -30.77
N ILE A 167 11.10 30.55 -30.23
CA ILE A 167 10.74 30.47 -28.81
C ILE A 167 11.93 30.83 -27.90
N LYS A 168 13.09 30.23 -28.20
CA LYS A 168 14.30 30.40 -27.39
C LYS A 168 14.76 31.83 -27.46
N ALA A 169 14.75 32.39 -28.67
CA ALA A 169 15.16 33.79 -28.87
C ALA A 169 14.33 34.74 -27.99
N LYS A 170 13.01 34.57 -28.04
CA LYS A 170 12.06 35.36 -27.26
C LYS A 170 12.29 35.24 -25.75
N MET A 171 12.64 34.05 -25.33
CA MET A 171 12.79 33.77 -23.93
C MET A 171 14.07 34.34 -23.39
N ASP A 172 15.08 34.42 -24.22
CA ASP A 172 16.38 34.88 -23.79
C ASP A 172 16.35 36.40 -23.61
N LYS A 173 15.59 37.07 -24.47
CA LYS A 173 15.40 38.50 -24.35
C LYS A 173 14.80 38.91 -23.01
N LYS A 174 13.59 38.45 -22.73
CA LYS A 174 12.90 38.88 -21.52
C LYS A 174 13.28 40.29 -21.05
N ASP B 4 -17.51 -15.86 21.06
CA ASP B 4 -17.16 -14.53 21.66
C ASP B 4 -15.71 -14.47 22.15
N TYR B 5 -15.42 -15.25 23.19
CA TYR B 5 -14.11 -15.24 23.81
C TYR B 5 -13.31 -16.48 23.35
N LEU B 6 -12.01 -16.31 23.17
CA LEU B 6 -11.11 -17.43 22.93
C LEU B 6 -9.97 -17.34 23.96
N PHE B 7 -9.94 -18.29 24.90
CA PHE B 7 -8.89 -18.36 25.93
C PHE B 7 -7.91 -19.49 25.62
N LYS B 8 -6.64 -19.16 25.51
CA LYS B 8 -5.59 -20.16 25.37
C LYS B 8 -5.16 -20.57 26.76
N LEU B 9 -5.29 -21.87 27.04
CA LEU B 9 -4.87 -22.43 28.31
C LEU B 9 -3.72 -23.38 28.12
N LEU B 10 -2.91 -23.54 29.16
CA LEU B 10 -1.77 -24.43 29.06
C LEU B 10 -1.66 -25.31 30.30
N LEU B 11 -1.43 -26.61 30.12
CA LEU B 11 -1.22 -27.53 31.23
C LEU B 11 0.26 -27.83 31.29
N ILE B 12 0.87 -27.61 32.45
CA ILE B 12 2.29 -27.90 32.66
C ILE B 12 2.48 -28.67 33.99
N GLY B 13 3.63 -29.33 34.11
CA GLY B 13 3.99 -30.08 35.28
C GLY B 13 4.79 -31.31 34.83
N ASP B 14 5.37 -32.03 35.77
CA ASP B 14 6.26 -33.17 35.47
C ASP B 14 5.59 -34.24 34.63
N SER B 15 6.39 -35.09 33.95
CA SER B 15 5.82 -36.22 33.24
C SER B 15 5.15 -37.16 34.24
N GLY B 16 3.98 -37.64 33.87
CA GLY B 16 3.31 -38.69 34.63
C GLY B 16 2.28 -38.18 35.64
N VAL B 17 2.20 -36.86 35.78
CA VAL B 17 1.29 -36.30 36.78
C VAL B 17 -0.17 -36.41 36.33
N GLY B 18 -0.41 -36.61 35.03
CA GLY B 18 -1.80 -36.72 34.55
C GLY B 18 -2.33 -35.56 33.73
N LYS B 19 -1.46 -34.71 33.16
CA LYS B 19 -1.96 -33.62 32.33
C LYS B 19 -2.85 -34.09 31.19
N THR B 20 -2.38 -35.11 30.44
CA THR B 20 -3.19 -35.58 29.31
C THR B 20 -4.53 -36.14 29.78
N CYS B 21 -4.51 -36.90 30.87
CA CYS B 21 -5.79 -37.50 31.37
C CYS B 21 -6.72 -36.41 31.85
N VAL B 22 -6.17 -35.36 32.48
CA VAL B 22 -7.03 -34.26 32.92
C VAL B 22 -7.71 -33.61 31.72
N LEU B 23 -6.96 -33.37 30.67
CA LEU B 23 -7.56 -32.78 29.46
C LEU B 23 -8.54 -33.75 28.81
N PHE B 24 -8.23 -35.04 28.79
CA PHE B 24 -9.13 -36.01 28.13
C PHE B 24 -10.45 -36.12 28.91
N ARG B 25 -10.37 -36.10 30.24
CA ARG B 25 -11.57 -36.02 31.07
C ARG B 25 -12.40 -34.77 30.73
N PHE B 26 -11.77 -33.60 30.70
CA PHE B 26 -12.54 -32.37 30.47
C PHE B 26 -13.15 -32.30 29.07
N SER B 27 -12.41 -32.77 28.07
CA SER B 27 -12.97 -32.69 26.71
C SER B 27 -13.78 -33.91 26.28
N GLU B 28 -13.39 -35.12 26.68
CA GLU B 28 -14.14 -36.34 26.27
C GLU B 28 -15.00 -36.96 27.34
N ASP B 29 -14.96 -36.42 28.57
CA ASP B 29 -15.63 -37.01 29.73
C ASP B 29 -15.37 -38.53 29.85
N ALA B 30 -14.11 -38.91 29.71
CA ALA B 30 -13.73 -40.28 29.85
C ALA B 30 -12.31 -40.40 30.40
N PHE B 31 -11.95 -41.61 30.80
CA PHE B 31 -10.61 -41.92 31.26
C PHE B 31 -10.14 -43.20 30.56
N ASN B 32 -8.95 -43.13 30.01
CA ASN B 32 -8.32 -44.27 29.40
C ASN B 32 -7.01 -44.46 30.18
N SER B 33 -6.85 -45.66 30.71
CA SER B 33 -5.70 -46.01 31.52
C SER B 33 -4.44 -46.32 30.69
N THR B 34 -4.56 -46.29 29.36
CA THR B 34 -3.42 -46.70 28.51
C THR B 34 -2.80 -45.54 27.73
N PHE B 35 -2.81 -44.33 28.29
CA PHE B 35 -2.18 -43.20 27.59
C PHE B 35 -0.64 -43.25 27.70
N ILE B 36 0.00 -42.82 26.63
CA ILE B 36 1.42 -42.82 26.55
C ILE B 36 1.88 -41.39 26.79
N SER B 37 3.13 -41.28 27.17
CA SER B 37 3.76 -40.02 27.40
C SER B 37 3.60 -39.14 26.15
N THR B 38 3.37 -37.85 26.35
CA THR B 38 3.18 -36.88 25.26
C THR B 38 4.54 -36.49 24.69
N ILE B 39 4.77 -36.84 23.44
CA ILE B 39 6.02 -36.53 22.77
C ILE B 39 5.80 -35.43 21.74
N GLY B 40 5.61 -34.21 22.23
CA GLY B 40 5.28 -33.09 21.35
C GLY B 40 4.41 -32.18 22.18
N ILE B 41 3.47 -31.50 21.54
CA ILE B 41 2.55 -30.68 22.27
C ILE B 41 1.27 -30.79 21.50
N ASP B 42 0.17 -30.90 22.22
CA ASP B 42 -1.15 -31.02 21.60
C ASP B 42 -2.11 -30.01 22.14
N PHE B 43 -3.23 -29.82 21.45
CA PHE B 43 -4.32 -28.98 21.96
C PHE B 43 -5.67 -29.56 21.52
N LYS B 44 -6.69 -29.23 22.32
CA LYS B 44 -8.06 -29.62 22.10
C LYS B 44 -8.91 -28.40 22.42
N ILE B 45 -10.11 -28.41 21.89
CA ILE B 45 -11.04 -27.31 22.04
C ILE B 45 -12.19 -27.76 22.93
N ARG B 46 -12.63 -26.87 23.82
CA ARG B 46 -13.79 -27.19 24.64
C ARG B 46 -14.52 -25.90 24.92
N THR B 47 -15.78 -25.85 24.50
CA THR B 47 -16.62 -24.71 24.73
C THR B 47 -17.40 -24.78 26.02
N ILE B 48 -17.46 -23.62 26.65
CA ILE B 48 -18.18 -23.48 27.90
C ILE B 48 -19.02 -22.22 27.82
N GLU B 49 -19.92 -22.07 28.78
CA GLU B 49 -20.77 -20.89 28.86
C GLU B 49 -20.54 -20.16 30.19
N LEU B 50 -20.28 -18.86 30.11
CA LEU B 50 -20.11 -18.01 31.30
C LEU B 50 -20.82 -16.67 31.10
N ASP B 51 -21.64 -16.26 32.08
CA ASP B 51 -22.38 -14.98 32.02
C ASP B 51 -23.03 -14.83 30.64
N GLY B 52 -23.61 -15.93 30.16
CA GLY B 52 -24.24 -15.99 28.84
C GLY B 52 -23.34 -15.59 27.68
N LYS B 53 -22.04 -15.83 27.82
CA LYS B 53 -21.10 -15.61 26.73
C LYS B 53 -20.47 -16.98 26.43
N ARG B 54 -20.27 -17.22 25.15
CA ARG B 54 -19.67 -18.46 24.67
C ARG B 54 -18.16 -18.32 24.76
N ILE B 55 -17.53 -19.20 25.54
CA ILE B 55 -16.08 -19.17 25.72
C ILE B 55 -15.48 -20.45 25.14
N LYS B 56 -14.67 -20.28 24.10
CA LYS B 56 -13.93 -21.39 23.51
C LYS B 56 -12.58 -21.47 24.19
N LEU B 57 -12.32 -22.63 24.79
CA LEU B 57 -11.05 -22.84 25.45
C LEU B 57 -10.14 -23.61 24.50
N GLN B 58 -8.97 -23.08 24.23
CA GLN B 58 -8.01 -23.82 23.40
C GLN B 58 -6.97 -24.34 24.35
N ILE B 59 -7.00 -25.64 24.63
CA ILE B 59 -6.19 -26.13 25.74
C ILE B 59 -4.97 -26.91 25.28
N TRP B 60 -3.78 -26.41 25.62
CA TRP B 60 -2.56 -27.02 25.15
C TRP B 60 -2.01 -27.95 26.24
N ASP B 61 -1.55 -29.12 25.82
CA ASP B 61 -1.13 -30.16 26.73
C ASP B 61 0.33 -30.42 26.40
N THR B 62 1.22 -30.12 27.36
CA THR B 62 2.67 -30.15 27.14
C THR B 62 3.35 -31.46 27.48
N ALA B 63 4.53 -31.67 26.91
CA ALA B 63 5.38 -32.79 27.27
C ALA B 63 6.10 -32.47 28.57
N GLY B 64 5.83 -33.28 29.61
CA GLY B 64 6.50 -33.09 30.89
C GLY B 64 7.90 -33.63 31.00
N GLN B 65 8.27 -34.50 30.07
CA GLN B 65 9.61 -35.10 30.10
C GLN B 65 10.73 -34.07 30.07
N GLU B 66 11.76 -34.31 30.90
CA GLU B 66 12.86 -33.35 31.08
C GLU B 66 13.49 -32.88 29.78
N ARG B 67 13.76 -33.80 28.86
CA ARG B 67 14.46 -33.42 27.62
C ARG B 67 13.70 -32.40 26.74
N PHE B 68 12.38 -32.27 26.95
CA PHE B 68 11.58 -31.35 26.17
C PHE B 68 11.24 -30.06 26.89
N ARG B 69 11.70 -29.91 28.12
CA ARG B 69 11.29 -28.75 28.94
C ARG B 69 11.68 -27.38 28.38
N THR B 70 12.94 -27.24 27.96
CA THR B 70 13.40 -26.00 27.31
C THR B 70 12.65 -25.62 26.01
N ILE B 71 12.50 -26.57 25.10
CA ILE B 71 11.76 -26.33 23.85
C ILE B 71 10.33 -25.92 24.12
N THR B 72 9.75 -26.56 25.12
CA THR B 72 8.35 -26.36 25.42
C THR B 72 8.08 -24.96 25.96
N THR B 73 9.11 -24.30 26.50
CA THR B 73 8.90 -22.93 26.97
C THR B 73 8.47 -21.95 25.88
N ALA B 74 8.76 -22.29 24.62
CA ALA B 74 8.33 -21.46 23.51
C ALA B 74 6.79 -21.39 23.39
N TYR B 75 6.07 -22.38 23.90
CA TYR B 75 4.61 -22.41 23.77
C TYR B 75 3.86 -21.70 24.88
N TYR B 76 4.56 -21.19 25.89
CA TYR B 76 3.91 -20.44 26.98
C TYR B 76 3.37 -19.09 26.49
N ARG B 77 4.07 -18.49 25.52
CA ARG B 77 3.68 -17.21 24.96
C ARG B 77 2.22 -17.22 24.52
N GLY B 78 1.44 -16.24 24.99
CA GLY B 78 0.03 -16.13 24.58
C GLY B 78 -0.96 -16.92 25.44
N ALA B 79 -0.45 -17.72 26.39
CA ALA B 79 -1.29 -18.43 27.33
C ALA B 79 -1.97 -17.42 28.27
N MET B 80 -3.29 -17.54 28.44
CA MET B 80 -4.07 -16.65 29.30
C MET B 80 -4.33 -17.31 30.67
N GLY B 81 -4.19 -18.62 30.73
CA GLY B 81 -4.34 -19.31 32.00
C GLY B 81 -3.50 -20.58 31.96
N ILE B 82 -2.89 -20.92 33.09
CA ILE B 82 -2.02 -22.12 33.15
C ILE B 82 -2.42 -22.96 34.35
N MET B 83 -2.63 -24.26 34.11
CA MET B 83 -2.76 -25.23 35.19
C MET B 83 -1.40 -25.80 35.56
N LEU B 84 -1.04 -25.68 36.82
CA LEU B 84 0.24 -26.22 37.33
C LEU B 84 -0.13 -27.54 37.97
N VAL B 85 0.21 -28.64 37.31
CA VAL B 85 -0.30 -29.97 37.77
C VAL B 85 0.79 -30.80 38.46
N TYR B 86 0.45 -31.34 39.63
CA TYR B 86 1.31 -32.32 40.29
C TYR B 86 0.44 -33.55 40.62
N ASP B 87 1.10 -34.59 41.11
CA ASP B 87 0.49 -35.90 41.42
C ASP B 87 0.61 -36.02 42.93
N ILE B 88 -0.54 -36.19 43.62
CA ILE B 88 -0.48 -36.20 45.10
C ILE B 88 0.31 -37.36 45.64
N THR B 89 0.63 -38.34 44.78
CA THR B 89 1.36 -39.48 45.30
C THR B 89 2.85 -39.34 45.01
N ASN B 90 3.29 -38.19 44.52
CA ASN B 90 4.71 -38.01 44.10
C ASN B 90 5.19 -36.69 44.67
N GLU B 91 5.87 -36.72 45.83
CA GLU B 91 6.32 -35.48 46.47
C GLU B 91 7.19 -34.62 45.54
N LYS B 92 8.02 -35.26 44.71
CA LYS B 92 8.94 -34.46 43.84
C LYS B 92 8.15 -33.60 42.85
N SER B 93 7.06 -34.14 42.30
CA SER B 93 6.26 -33.34 41.35
C SER B 93 5.70 -32.11 42.04
N PHE B 94 5.42 -32.21 43.34
CA PHE B 94 4.94 -31.06 44.10
C PHE B 94 6.07 -30.07 44.41
N ASP B 95 7.21 -30.58 44.88
CA ASP B 95 8.40 -29.75 45.09
C ASP B 95 8.67 -28.94 43.82
N ASN B 96 8.56 -29.59 42.66
CA ASN B 96 8.82 -28.90 41.39
C ASN B 96 7.87 -27.76 41.02
N ILE B 97 6.68 -27.73 41.59
CA ILE B 97 5.72 -26.63 41.30
C ILE B 97 6.37 -25.26 41.44
N ARG B 98 7.25 -25.08 42.42
CA ARG B 98 7.93 -23.80 42.59
C ARG B 98 8.79 -23.47 41.36
N ASN B 99 9.41 -24.48 40.76
CA ASN B 99 10.21 -24.20 39.59
C ASN B 99 9.32 -23.94 38.38
N TRP B 100 8.20 -24.67 38.28
CA TRP B 100 7.22 -24.42 37.22
C TRP B 100 6.68 -22.98 37.28
N ILE B 101 6.40 -22.51 38.48
CA ILE B 101 5.96 -21.13 38.69
C ILE B 101 7.04 -20.17 38.19
N ARG B 102 8.32 -20.45 38.50
CA ARG B 102 9.41 -19.61 37.98
C ARG B 102 9.43 -19.63 36.46
N ASN B 103 9.20 -20.80 35.85
CA ASN B 103 9.07 -20.90 34.40
C ASN B 103 7.98 -20.00 33.85
N ILE B 104 6.82 -20.03 34.51
CA ILE B 104 5.70 -19.22 34.08
C ILE B 104 6.10 -17.75 34.21
N GLU B 105 6.79 -17.39 35.31
CA GLU B 105 7.21 -15.98 35.53
C GLU B 105 8.13 -15.50 34.42
N GLU B 106 9.03 -16.39 33.99
CA GLU B 106 10.02 -16.07 32.96
C GLU B 106 9.48 -16.09 31.53
N HIS B 107 8.53 -16.97 31.24
CA HIS B 107 8.14 -17.21 29.87
C HIS B 107 6.73 -16.86 29.48
N ALA B 108 5.84 -16.71 30.44
CA ALA B 108 4.46 -16.41 30.10
C ALA B 108 4.11 -14.94 30.37
N SER B 109 2.90 -14.56 29.96
CA SER B 109 2.33 -13.22 30.22
C SER B 109 2.29 -12.89 31.72
N ALA B 110 2.85 -11.74 32.07
CA ALA B 110 2.95 -11.30 33.46
C ALA B 110 1.63 -11.44 34.27
N ASP B 111 0.51 -11.21 33.59
CA ASP B 111 -0.81 -11.32 34.25
C ASP B 111 -1.54 -12.62 33.86
N VAL B 112 -0.79 -13.68 33.57
CA VAL B 112 -1.42 -14.94 33.26
C VAL B 112 -2.09 -15.42 34.55
N GLU B 113 -3.31 -15.90 34.43
CA GLU B 113 -4.00 -16.53 35.53
C GLU B 113 -3.39 -17.93 35.78
N LYS B 114 -3.09 -18.27 37.04
CA LYS B 114 -2.53 -19.59 37.35
C LYS B 114 -3.42 -20.39 38.29
N MET B 115 -3.34 -21.71 38.23
CA MET B 115 -4.09 -22.57 39.17
C MET B 115 -3.31 -23.86 39.35
N ILE B 116 -3.20 -24.28 40.60
CA ILE B 116 -2.49 -25.51 40.94
C ILE B 116 -3.47 -26.64 41.12
N LEU B 117 -3.23 -27.75 40.42
CA LEU B 117 -4.04 -28.96 40.57
C LEU B 117 -3.21 -30.07 41.18
N GLY B 118 -3.72 -30.67 42.25
CA GLY B 118 -3.13 -31.87 42.84
C GLY B 118 -3.90 -33.04 42.30
N ASN B 119 -3.39 -33.66 41.24
CA ASN B 119 -4.14 -34.73 40.55
C ASN B 119 -3.91 -36.12 41.15
N LYS B 120 -4.73 -37.04 40.71
CA LYS B 120 -4.76 -38.43 41.22
C LYS B 120 -5.24 -38.52 42.68
N CYS B 121 -6.13 -37.61 43.07
CA CYS B 121 -6.63 -37.64 44.43
C CYS B 121 -7.48 -38.87 44.73
N ASP B 122 -7.68 -39.73 43.74
CA ASP B 122 -8.36 -41.04 43.98
C ASP B 122 -7.41 -42.09 44.57
N VAL B 123 -6.11 -41.85 44.49
CA VAL B 123 -5.14 -42.78 45.01
C VAL B 123 -4.69 -42.39 46.42
N ASN B 124 -5.64 -42.30 47.35
CA ASN B 124 -5.29 -41.94 48.71
C ASN B 124 -4.38 -42.90 49.49
N ASP B 125 -4.29 -44.16 49.06
CA ASP B 125 -3.41 -45.16 49.70
C ASP B 125 -1.94 -44.83 49.50
N LYS B 126 -1.64 -44.04 48.48
CA LYS B 126 -0.28 -43.72 48.13
C LYS B 126 -0.03 -42.21 48.21
N ARG B 127 -0.95 -41.48 48.85
CA ARG B 127 -0.76 -40.06 49.01
C ARG B 127 0.58 -39.73 49.71
N GLN B 128 1.32 -38.76 49.18
CA GLN B 128 2.55 -38.24 49.83
C GLN B 128 2.37 -36.75 50.16
N VAL B 129 1.56 -36.07 49.34
CA VAL B 129 1.33 -34.63 49.55
C VAL B 129 -0.04 -34.42 50.21
N SER B 130 -0.06 -33.86 51.44
CA SER B 130 -1.32 -33.61 52.12
C SER B 130 -2.06 -32.48 51.42
N LYS B 131 -3.40 -32.54 51.46
CA LYS B 131 -4.21 -31.46 50.84
C LYS B 131 -3.84 -30.14 51.49
N GLU B 132 -3.54 -30.21 52.78
CA GLU B 132 -3.19 -29.01 53.55
C GLU B 132 -1.95 -28.31 53.03
N ARG B 133 -0.90 -29.07 52.71
CA ARG B 133 0.33 -28.48 52.11
C ARG B 133 0.09 -27.93 50.69
N GLY B 134 -0.77 -28.60 49.92
CA GLY B 134 -1.19 -28.10 48.60
C GLY B 134 -1.83 -26.72 48.71
N GLU B 135 -2.82 -26.61 49.60
CA GLU B 135 -3.53 -25.35 49.83
C GLU B 135 -2.61 -24.26 50.34
N LYS B 136 -1.67 -24.64 51.21
CA LYS B 136 -0.71 -23.69 51.78
C LYS B 136 0.28 -23.13 50.73
N LEU B 137 0.74 -23.98 49.81
CA LEU B 137 1.60 -23.51 48.74
C LEU B 137 0.85 -22.50 47.89
N ALA B 138 -0.39 -22.84 47.58
CA ALA B 138 -1.17 -22.02 46.68
C ALA B 138 -1.40 -20.67 47.37
N LEU B 139 -1.70 -20.73 48.67
CA LEU B 139 -1.95 -19.53 49.45
C LEU B 139 -0.72 -18.63 49.42
N ASP B 140 0.47 -19.20 49.62
CA ASP B 140 1.72 -18.43 49.60
C ASP B 140 1.90 -17.60 48.33
N TYR B 141 1.47 -18.15 47.20
CA TYR B 141 1.64 -17.52 45.90
C TYR B 141 0.42 -16.75 45.48
N GLY B 142 -0.65 -16.86 46.26
CA GLY B 142 -1.90 -16.16 45.98
C GLY B 142 -2.65 -16.72 44.79
N ILE B 143 -2.71 -18.05 44.67
CA ILE B 143 -3.39 -18.65 43.52
C ILE B 143 -4.33 -19.78 43.95
N LYS B 144 -5.34 -20.04 43.13
CA LYS B 144 -6.31 -21.05 43.49
C LYS B 144 -5.70 -22.45 43.41
N PHE B 145 -6.28 -23.36 44.18
CA PHE B 145 -5.81 -24.73 44.32
C PHE B 145 -6.98 -25.69 44.29
N MET B 146 -6.82 -26.84 43.65
CA MET B 146 -7.83 -27.87 43.72
C MET B 146 -7.20 -29.26 43.65
N GLU B 147 -7.69 -30.21 44.45
CA GLU B 147 -7.34 -31.60 44.22
C GLU B 147 -8.25 -32.20 43.19
N THR B 148 -7.68 -32.92 42.24
CA THR B 148 -8.47 -33.52 41.11
C THR B 148 -8.17 -35.02 40.91
N SER B 149 -9.06 -35.65 40.17
CA SER B 149 -8.86 -37.00 39.67
C SER B 149 -9.51 -37.09 38.28
N ALA B 150 -8.68 -37.32 37.28
CA ALA B 150 -9.12 -37.53 35.92
C ALA B 150 -9.84 -38.87 35.88
N LYS B 151 -9.32 -39.85 36.63
CA LYS B 151 -9.94 -41.20 36.70
C LYS B 151 -11.29 -41.23 37.37
N ALA B 152 -11.43 -40.57 38.53
CA ALA B 152 -12.67 -40.60 39.28
C ALA B 152 -13.59 -39.38 38.98
N ASN B 153 -13.20 -38.57 38.02
CA ASN B 153 -14.02 -37.40 37.64
C ASN B 153 -14.28 -36.47 38.81
N ILE B 154 -13.22 -36.03 39.48
CA ILE B 154 -13.32 -35.16 40.65
C ILE B 154 -12.67 -33.83 40.37
N ASN B 155 -13.48 -32.78 40.44
CA ASN B 155 -13.02 -31.41 40.33
C ASN B 155 -12.42 -30.99 38.99
N VAL B 156 -12.48 -31.84 37.97
CA VAL B 156 -11.85 -31.51 36.68
C VAL B 156 -12.62 -30.39 35.97
N GLU B 157 -13.94 -30.59 35.87
CA GLU B 157 -14.74 -29.56 35.25
C GLU B 157 -14.70 -28.28 36.11
N ASN B 158 -14.76 -28.44 37.43
CA ASN B 158 -14.70 -27.30 38.33
C ASN B 158 -13.39 -26.48 38.20
N ALA B 159 -12.24 -27.15 38.08
CA ALA B 159 -10.96 -26.44 37.93
C ALA B 159 -10.99 -25.58 36.67
N PHE B 160 -11.41 -26.17 35.55
CA PHE B 160 -11.38 -25.42 34.29
C PHE B 160 -12.40 -24.27 34.23
N PHE B 161 -13.61 -24.50 34.74
CA PHE B 161 -14.60 -23.40 34.85
C PHE B 161 -14.12 -22.26 35.75
N THR B 162 -13.44 -22.61 36.84
CA THR B 162 -12.92 -21.64 37.80
C THR B 162 -11.82 -20.80 37.16
N LEU B 163 -10.83 -21.45 36.53
CA LEU B 163 -9.77 -20.74 35.81
C LEU B 163 -10.35 -19.80 34.71
N ALA B 164 -11.30 -20.33 33.96
CA ALA B 164 -11.95 -19.57 32.90
C ALA B 164 -12.69 -18.34 33.47
N ARG B 165 -13.40 -18.55 34.57
CA ARG B 165 -14.07 -17.42 35.24
C ARG B 165 -13.07 -16.37 35.68
N ASP B 166 -11.93 -16.78 36.26
CA ASP B 166 -10.96 -15.79 36.69
C ASP B 166 -10.36 -15.01 35.52
N ILE B 167 -10.14 -15.67 34.40
CA ILE B 167 -9.60 -14.98 33.20
C ILE B 167 -10.63 -13.96 32.66
N LYS B 168 -11.87 -14.42 32.51
CA LYS B 168 -12.96 -13.55 32.06
C LYS B 168 -13.06 -12.30 32.94
N ALA B 169 -13.10 -12.50 34.26
CA ALA B 169 -13.22 -11.38 35.21
C ALA B 169 -12.12 -10.33 35.04
N LYS B 170 -10.88 -10.80 34.90
CA LYS B 170 -9.72 -9.91 34.72
C LYS B 170 -9.81 -9.16 33.40
N MET B 171 -10.27 -9.85 32.37
CA MET B 171 -10.44 -9.26 31.04
C MET B 171 -11.51 -8.18 31.06
N ASP B 172 -12.61 -8.47 31.75
CA ASP B 172 -13.73 -7.54 31.88
C ASP B 172 -13.37 -6.24 32.57
N LYS B 173 -12.39 -6.29 33.47
CA LYS B 173 -11.93 -5.12 34.22
C LYS B 173 -10.90 -4.30 33.43
N LYS B 174 -9.97 -5.02 32.80
CA LYS B 174 -8.76 -4.47 32.17
C LYS B 174 -8.99 -3.14 31.44
N TYR C 5 -16.79 2.92 18.63
CA TYR C 5 -15.65 3.68 19.20
C TYR C 5 -15.73 5.18 18.88
N LEU C 6 -15.07 5.56 17.79
CA LEU C 6 -15.07 6.92 17.25
C LEU C 6 -15.58 6.90 15.80
N PHE C 7 -16.74 7.53 15.58
CA PHE C 7 -17.35 7.60 14.27
C PHE C 7 -17.13 9.00 13.70
N LYS C 8 -16.56 9.04 12.50
CA LYS C 8 -16.33 10.29 11.80
C LYS C 8 -17.46 10.52 10.79
N LEU C 9 -18.14 11.65 10.95
CA LEU C 9 -19.27 11.99 10.10
C LEU C 9 -18.93 13.23 9.31
N LEU C 10 -19.60 13.40 8.19
CA LEU C 10 -19.34 14.55 7.34
C LEU C 10 -20.67 15.13 6.87
N LEU C 11 -20.75 16.45 6.80
CA LEU C 11 -21.95 17.13 6.32
C LEU C 11 -21.61 17.79 5.00
N ILE C 12 -22.37 17.48 3.96
CA ILE C 12 -22.15 18.10 2.65
C ILE C 12 -23.46 18.62 2.11
N GLY C 13 -23.39 19.53 1.15
CA GLY C 13 -24.60 20.12 0.53
C GLY C 13 -24.33 21.55 0.10
N ASP C 14 -25.24 22.12 -0.69
CA ASP C 14 -25.07 23.49 -1.18
C ASP C 14 -24.81 24.52 -0.04
N SER C 15 -24.22 25.65 -0.40
CA SER C 15 -24.04 26.73 0.56
C SER C 15 -25.42 27.24 0.96
N GLY C 16 -25.63 27.39 2.27
CA GLY C 16 -26.84 28.04 2.80
C GLY C 16 -27.95 27.08 3.17
N VAL C 17 -27.72 25.77 3.02
CA VAL C 17 -28.76 24.77 3.33
C VAL C 17 -28.93 24.56 4.83
N GLY C 18 -27.93 24.93 5.61
CA GLY C 18 -28.03 24.82 7.07
C GLY C 18 -27.09 23.82 7.71
N LYS C 19 -26.02 23.46 7.00
CA LYS C 19 -25.08 22.48 7.54
C LYS C 19 -24.48 22.86 8.89
N THR C 20 -24.05 24.12 9.01
CA THR C 20 -23.43 24.59 10.22
C THR C 20 -24.45 24.71 11.34
N CYS C 21 -25.64 25.21 11.02
CA CYS C 21 -26.73 25.24 12.02
C CYS C 21 -27.14 23.86 12.51
N VAL C 22 -27.19 22.89 11.61
CA VAL C 22 -27.50 21.54 12.00
C VAL C 22 -26.43 21.02 12.97
N LEU C 23 -25.16 21.26 12.65
CA LEU C 23 -24.07 20.89 13.55
C LEU C 23 -24.14 21.61 14.90
N PHE C 24 -24.34 22.92 14.89
CA PHE C 24 -24.43 23.67 16.12
C PHE C 24 -25.64 23.22 16.96
N ARG C 25 -26.74 22.88 16.31
CA ARG C 25 -27.90 22.37 17.05
C ARG C 25 -27.56 21.09 17.79
N PHE C 26 -26.96 20.14 17.08
CA PHE C 26 -26.65 18.85 17.63
C PHE C 26 -25.61 18.92 18.73
N SER C 27 -24.57 19.73 18.54
CA SER C 27 -23.48 19.82 19.53
C SER C 27 -23.70 20.84 20.66
N GLU C 28 -24.43 21.92 20.38
CA GLU C 28 -24.64 22.96 21.40
C GLU C 28 -26.06 23.20 21.79
N ASP C 29 -26.98 22.46 21.17
CA ASP C 29 -28.43 22.65 21.40
C ASP C 29 -28.88 24.13 21.31
N ALA C 30 -28.46 24.83 20.26
CA ALA C 30 -28.79 26.24 20.14
C ALA C 30 -28.90 26.65 18.69
N PHE C 31 -29.37 27.87 18.47
CA PHE C 31 -29.46 28.37 17.11
C PHE C 31 -29.01 29.82 17.14
N ASN C 32 -28.09 30.12 16.25
CA ASN C 32 -27.64 31.48 16.07
C ASN C 32 -27.99 31.88 14.65
N SER C 33 -28.86 32.88 14.52
CA SER C 33 -29.32 33.33 13.20
C SER C 33 -28.27 34.12 12.40
N THR C 34 -27.12 34.42 13.00
CA THR C 34 -26.08 35.27 12.38
C THR C 34 -24.81 34.50 11.96
N PHE C 35 -24.96 33.25 11.51
CA PHE C 35 -23.78 32.54 11.03
C PHE C 35 -23.33 33.02 9.65
N ILE C 36 -22.01 33.05 9.49
CA ILE C 36 -21.35 33.34 8.27
C ILE C 36 -21.11 32.02 7.51
N SER C 37 -20.86 32.13 6.21
CA SER C 37 -20.58 30.98 5.38
C SER C 37 -19.27 30.34 5.82
N THR C 38 -19.19 29.06 5.80
CA THR C 38 -18.01 28.35 6.22
C THR C 38 -16.91 28.43 5.15
N ILE C 39 -15.80 29.06 5.49
CA ILE C 39 -14.69 29.27 4.58
C ILE C 39 -13.52 28.39 5.01
N GLY C 40 -13.76 27.08 4.95
CA GLY C 40 -12.86 26.06 5.41
C GLY C 40 -13.59 24.75 5.68
N ILE C 41 -13.10 23.98 6.61
CA ILE C 41 -13.83 22.82 7.09
C ILE C 41 -13.65 22.80 8.60
N ASP C 42 -14.74 22.63 9.33
CA ASP C 42 -14.70 22.66 10.79
C ASP C 42 -15.19 21.32 11.32
N PHE C 43 -14.90 21.01 12.59
CA PHE C 43 -15.54 19.85 13.19
C PHE C 43 -15.82 20.08 14.65
N LYS C 44 -16.78 19.31 15.16
CA LYS C 44 -17.14 19.35 16.56
C LYS C 44 -17.37 17.92 16.99
N ILE C 45 -17.28 17.70 18.30
CA ILE C 45 -17.47 16.37 18.85
C ILE C 45 -18.71 16.34 19.75
N ARG C 46 -19.31 15.17 19.84
CA ARG C 46 -20.49 14.96 20.66
C ARG C 46 -20.59 13.48 20.91
N THR C 47 -20.65 13.12 22.18
CA THR C 47 -20.72 11.75 22.62
C THR C 47 -22.18 11.31 22.76
N ILE C 48 -22.47 10.08 22.31
CA ILE C 48 -23.79 9.49 22.45
C ILE C 48 -23.69 8.08 23.04
N GLU C 49 -24.81 7.53 23.52
CA GLU C 49 -24.84 6.11 23.88
C GLU C 49 -25.70 5.28 22.97
N LEU C 50 -25.13 4.18 22.49
CA LEU C 50 -25.83 3.19 21.67
C LEU C 50 -25.59 1.80 22.24
N ASP C 51 -26.69 1.09 22.50
CA ASP C 51 -26.64 -0.26 23.09
C ASP C 51 -25.74 -0.29 24.34
N GLY C 52 -25.94 0.70 25.22
CA GLY C 52 -25.16 0.82 26.44
C GLY C 52 -23.68 1.16 26.28
N LYS C 53 -23.30 1.63 25.09
CA LYS C 53 -21.91 1.94 24.79
C LYS C 53 -21.73 3.41 24.41
N ARG C 54 -20.62 3.98 24.86
CA ARG C 54 -20.30 5.38 24.59
C ARG C 54 -19.64 5.49 23.21
N ILE C 55 -20.30 6.21 22.31
CA ILE C 55 -19.78 6.42 20.96
C ILE C 55 -19.48 7.90 20.75
N LYS C 56 -18.23 8.16 20.40
CA LYS C 56 -17.70 9.50 20.21
C LYS C 56 -17.98 9.90 18.77
N LEU C 57 -18.79 10.93 18.55
CA LEU C 57 -19.07 11.38 17.19
C LEU C 57 -18.19 12.57 16.82
N GLN C 58 -17.44 12.41 15.73
CA GLN C 58 -16.60 13.50 15.22
C GLN C 58 -17.19 13.95 13.90
N ILE C 59 -17.90 15.07 13.95
CA ILE C 59 -18.72 15.55 12.83
C ILE C 59 -18.05 16.73 12.15
N TRP C 60 -17.72 16.54 10.87
CA TRP C 60 -17.03 17.54 10.07
C TRP C 60 -18.03 18.33 9.22
N ASP C 61 -17.78 19.62 9.09
CA ASP C 61 -18.73 20.57 8.49
C ASP C 61 -17.99 21.23 7.33
N THR C 62 -18.45 20.99 6.12
CA THR C 62 -17.77 21.46 4.91
C THR C 62 -18.30 22.80 4.37
N ALA C 63 -17.48 23.47 3.59
CA ALA C 63 -17.90 24.65 2.83
C ALA C 63 -18.79 24.19 1.69
N GLY C 64 -19.96 24.80 1.54
CA GLY C 64 -20.85 24.44 0.45
C GLY C 64 -20.68 25.27 -0.81
N GLN C 65 -19.91 26.36 -0.73
CA GLN C 65 -19.72 27.27 -1.85
C GLN C 65 -18.99 26.55 -3.00
N GLU C 66 -19.51 26.70 -4.21
CA GLU C 66 -19.05 25.94 -5.37
C GLU C 66 -17.55 26.03 -5.58
N ARG C 67 -16.96 27.21 -5.38
CA ARG C 67 -15.51 27.38 -5.55
C ARG C 67 -14.63 26.45 -4.71
N PHE C 68 -15.15 25.92 -3.59
CA PHE C 68 -14.37 25.04 -2.73
C PHE C 68 -14.71 23.55 -2.92
N ARG C 69 -15.57 23.29 -3.91
CA ARG C 69 -16.18 21.99 -4.08
C ARG C 69 -15.11 20.93 -4.25
N THR C 70 -14.14 21.22 -5.10
CA THR C 70 -13.11 20.28 -5.45
C THR C 70 -12.22 19.99 -4.27
N ILE C 71 -11.70 21.03 -3.66
CA ILE C 71 -10.85 20.90 -2.49
C ILE C 71 -11.54 20.11 -1.37
N THR C 72 -12.85 20.30 -1.26
CA THR C 72 -13.64 19.64 -0.21
C THR C 72 -13.81 18.12 -0.44
N THR C 73 -13.82 17.70 -1.70
CA THR C 73 -13.93 16.26 -2.01
C THR C 73 -12.81 15.40 -1.36
N ALA C 74 -11.66 16.03 -1.12
CA ALA C 74 -10.54 15.40 -0.43
C ALA C 74 -10.89 14.92 0.97
N TYR C 75 -11.96 15.46 1.58
CA TYR C 75 -12.30 15.12 2.96
C TYR C 75 -13.27 13.97 3.10
N TYR C 76 -13.72 13.43 1.96
CA TYR C 76 -14.76 12.41 1.93
C TYR C 76 -14.23 11.05 2.36
N ARG C 77 -12.98 10.76 1.99
CA ARG C 77 -12.36 9.44 2.16
C ARG C 77 -12.43 8.88 3.60
N GLY C 78 -12.05 9.67 4.60
CA GLY C 78 -12.10 9.14 5.97
C GLY C 78 -13.49 8.95 6.57
N ALA C 79 -14.50 9.60 5.98
CA ALA C 79 -15.85 9.62 6.54
C ALA C 79 -16.47 8.24 6.67
N MET C 80 -17.12 7.97 7.80
CA MET C 80 -17.79 6.70 8.01
C MET C 80 -19.27 6.84 7.78
N GLY C 81 -19.78 8.08 7.89
CA GLY C 81 -21.18 8.39 7.56
C GLY C 81 -21.26 9.80 6.99
N ILE C 82 -22.15 10.01 6.02
CA ILE C 82 -22.29 11.34 5.40
C ILE C 82 -23.73 11.80 5.41
N MET C 83 -23.94 13.07 5.73
CA MET C 83 -25.26 13.67 5.66
C MET C 83 -25.28 14.59 4.48
N LEU C 84 -26.22 14.38 3.56
CA LEU C 84 -26.37 15.19 2.36
C LEU C 84 -27.53 16.09 2.63
N VAL C 85 -27.27 17.39 2.71
CA VAL C 85 -28.29 18.36 3.14
C VAL C 85 -28.76 19.25 1.99
N TYR C 86 -30.07 19.37 1.85
CA TYR C 86 -30.65 20.42 1.03
C TYR C 86 -31.60 21.29 1.90
N ASP C 87 -32.10 22.35 1.28
CA ASP C 87 -32.95 23.34 1.95
C ASP C 87 -34.34 23.18 1.31
N ILE C 88 -35.35 22.75 2.09
CA ILE C 88 -36.72 22.52 1.54
C ILE C 88 -37.34 23.76 0.90
N THR C 89 -36.82 24.94 1.24
CA THR C 89 -37.25 26.21 0.63
C THR C 89 -36.49 26.55 -0.66
N ASN C 90 -35.52 25.72 -1.04
CA ASN C 90 -34.68 26.04 -2.21
C ASN C 90 -34.57 24.88 -3.16
N GLU C 91 -35.41 24.90 -4.21
CA GLU C 91 -35.40 23.91 -5.27
C GLU C 91 -34.04 23.53 -5.80
N LYS C 92 -33.21 24.53 -6.10
CA LYS C 92 -31.91 24.28 -6.69
C LYS C 92 -31.06 23.38 -5.80
N SER C 93 -31.17 23.58 -4.48
CA SER C 93 -30.36 22.84 -3.57
C SER C 93 -30.76 21.39 -3.59
N PHE C 94 -32.05 21.15 -3.85
CA PHE C 94 -32.61 19.79 -3.93
C PHE C 94 -32.22 19.11 -5.27
N ASP C 95 -32.08 19.92 -6.32
CA ASP C 95 -31.74 19.40 -7.64
C ASP C 95 -30.31 18.94 -7.65
N ASN C 96 -29.51 19.57 -6.80
CA ASN C 96 -28.10 19.33 -6.72
C ASN C 96 -27.73 18.04 -5.99
N ILE C 97 -28.72 17.46 -5.31
CA ILE C 97 -28.52 16.25 -4.51
C ILE C 97 -28.00 15.06 -5.34
N ARG C 98 -28.52 14.87 -6.55
CA ARG C 98 -28.00 13.82 -7.45
C ARG C 98 -26.50 13.96 -7.67
N ASN C 99 -26.05 15.19 -7.91
CA ASN C 99 -24.61 15.49 -8.05
C ASN C 99 -23.81 15.21 -6.78
N TRP C 100 -24.38 15.60 -5.63
CA TRP C 100 -23.78 15.32 -4.34
C TRP C 100 -23.58 13.82 -4.13
N ILE C 101 -24.61 13.04 -4.46
CA ILE C 101 -24.55 11.60 -4.30
C ILE C 101 -23.45 11.06 -5.23
N ARG C 102 -23.40 11.58 -6.44
CA ARG C 102 -22.41 11.10 -7.42
C ARG C 102 -21.00 11.44 -6.90
N ASN C 103 -20.89 12.61 -6.24
CA ASN C 103 -19.62 12.98 -5.54
C ASN C 103 -19.19 11.99 -4.44
N ILE C 104 -20.14 11.58 -3.62
CA ILE C 104 -19.93 10.57 -2.59
C ILE C 104 -19.48 9.27 -3.25
N GLU C 105 -20.21 8.88 -4.29
CA GLU C 105 -19.89 7.65 -5.02
C GLU C 105 -18.49 7.68 -5.62
N GLU C 106 -18.06 8.85 -6.10
CA GLU C 106 -16.74 8.93 -6.74
C GLU C 106 -15.58 9.18 -5.77
N HIS C 107 -15.89 9.63 -4.56
CA HIS C 107 -14.85 10.14 -3.64
C HIS C 107 -14.84 9.53 -2.22
N ALA C 108 -15.97 9.03 -1.73
CA ALA C 108 -16.01 8.44 -0.39
C ALA C 108 -15.75 6.93 -0.48
N SER C 109 -15.79 6.23 0.66
CA SER C 109 -15.67 4.76 0.60
C SER C 109 -16.94 4.13 0.04
N ALA C 110 -16.80 3.00 -0.64
CA ALA C 110 -17.95 2.32 -1.24
C ALA C 110 -18.98 1.94 -0.19
N ASP C 111 -18.49 1.61 1.01
CA ASP C 111 -19.36 1.14 2.10
C ASP C 111 -19.76 2.25 3.09
N VAL C 112 -19.68 3.51 2.66
CA VAL C 112 -20.07 4.63 3.56
C VAL C 112 -21.59 4.69 3.81
N GLU C 113 -21.95 4.94 5.05
CA GLU C 113 -23.34 5.16 5.41
C GLU C 113 -23.76 6.56 4.98
N LYS C 114 -24.96 6.66 4.42
CA LYS C 114 -25.44 7.92 3.82
C LYS C 114 -26.82 8.27 4.38
N MET C 115 -27.12 9.57 4.48
CA MET C 115 -28.45 10.00 4.89
C MET C 115 -28.77 11.33 4.25
N ILE C 116 -30.00 11.48 3.77
CA ILE C 116 -30.44 12.72 3.14
C ILE C 116 -31.30 13.52 4.11
N LEU C 117 -30.98 14.80 4.26
CA LEU C 117 -31.67 15.66 5.20
C LEU C 117 -32.25 16.82 4.44
N GLY C 118 -33.57 16.95 4.48
CA GLY C 118 -34.24 18.14 3.98
C GLY C 118 -34.42 19.09 5.14
N ASN C 119 -33.57 20.13 5.22
CA ASN C 119 -33.56 21.06 6.34
C ASN C 119 -34.44 22.30 6.14
N LYS C 120 -34.64 23.04 7.20
CA LYS C 120 -35.50 24.20 7.24
C LYS C 120 -36.98 23.87 7.16
N CYS C 121 -37.37 22.72 7.68
CA CYS C 121 -38.75 22.30 7.68
C CYS C 121 -39.69 23.12 8.57
N ASP C 122 -39.14 24.15 9.19
CA ASP C 122 -39.87 25.13 9.96
C ASP C 122 -40.31 26.27 9.08
N VAL C 123 -39.92 26.26 7.82
CA VAL C 123 -40.34 27.32 6.93
C VAL C 123 -41.35 26.91 5.89
N ASN C 124 -42.25 26.04 6.26
CA ASN C 124 -43.26 25.53 5.37
C ASN C 124 -43.94 26.52 4.43
N ASP C 125 -44.06 27.76 4.86
CA ASP C 125 -44.67 28.75 4.03
C ASP C 125 -43.79 29.17 2.87
N LYS C 126 -42.62 28.58 2.74
CA LYS C 126 -41.73 28.90 1.64
C LYS C 126 -41.19 27.64 0.99
N ARG C 127 -41.78 26.51 1.37
CA ARG C 127 -41.42 25.24 0.80
C ARG C 127 -41.53 25.26 -0.74
N GLN C 128 -40.48 24.75 -1.38
CA GLN C 128 -40.44 24.61 -2.82
C GLN C 128 -40.34 23.14 -3.18
N VAL C 129 -39.99 22.34 -2.19
CA VAL C 129 -39.77 20.90 -2.34
C VAL C 129 -40.64 20.15 -1.35
N SER C 130 -41.59 19.36 -1.85
CA SER C 130 -42.51 18.64 -0.98
C SER C 130 -41.81 17.45 -0.32
N LYS C 131 -42.26 17.08 0.87
CA LYS C 131 -41.67 15.96 1.60
C LYS C 131 -41.68 14.68 0.78
N GLU C 132 -42.79 14.42 0.12
CA GLU C 132 -42.91 13.20 -0.70
C GLU C 132 -41.86 13.12 -1.81
N ARG C 133 -41.54 14.26 -2.42
CA ARG C 133 -40.52 14.30 -3.44
C ARG C 133 -39.15 13.95 -2.88
N GLY C 134 -38.86 14.45 -1.68
CA GLY C 134 -37.61 14.13 -1.01
C GLY C 134 -37.58 12.66 -0.64
N GLU C 135 -38.70 12.16 -0.14
CA GLU C 135 -38.81 10.75 0.26
C GLU C 135 -38.62 9.87 -0.93
N LYS C 136 -39.23 10.28 -2.03
CA LYS C 136 -39.21 9.54 -3.29
C LYS C 136 -37.80 9.45 -3.86
N LEU C 137 -37.09 10.58 -3.83
CA LEU C 137 -35.72 10.63 -4.33
C LEU C 137 -34.86 9.65 -3.55
N ALA C 138 -34.97 9.73 -2.23
CA ALA C 138 -34.12 8.98 -1.32
C ALA C 138 -34.37 7.47 -1.43
N LEU C 139 -35.63 7.11 -1.63
CA LEU C 139 -35.98 5.70 -1.83
C LEU C 139 -35.29 5.19 -3.10
N ASP C 140 -35.43 5.95 -4.18
CA ASP C 140 -34.79 5.67 -5.47
C ASP C 140 -33.30 5.30 -5.34
N TYR C 141 -32.60 5.91 -4.38
CA TYR C 141 -31.18 5.65 -4.17
C TYR C 141 -30.87 4.67 -3.04
N GLY C 142 -31.92 4.17 -2.39
CA GLY C 142 -31.76 3.29 -1.23
C GLY C 142 -31.12 3.99 -0.05
N ILE C 143 -31.39 5.30 0.12
CA ILE C 143 -30.75 6.11 1.16
C ILE C 143 -31.79 6.65 2.10
N LYS C 144 -31.53 6.60 3.41
CA LYS C 144 -32.51 7.04 4.41
C LYS C 144 -32.74 8.54 4.32
N PHE C 145 -33.93 8.98 4.73
CA PHE C 145 -34.38 10.38 4.60
C PHE C 145 -35.07 10.90 5.85
N MET C 146 -34.88 12.18 6.12
CA MET C 146 -35.53 12.84 7.23
C MET C 146 -35.61 14.32 6.93
N GLU C 147 -36.76 14.94 7.18
CA GLU C 147 -36.87 16.40 7.16
C GLU C 147 -36.49 16.95 8.53
N THR C 148 -35.65 18.00 8.57
CA THR C 148 -35.08 18.49 9.83
C THR C 148 -35.27 20.00 9.95
N SER C 149 -35.06 20.53 11.15
CA SER C 149 -34.95 21.95 11.34
C SER C 149 -33.93 22.21 12.42
N ALA C 150 -32.79 22.80 12.06
CA ALA C 150 -31.82 23.31 13.04
C ALA C 150 -32.42 24.37 13.96
N LYS C 151 -33.26 25.24 13.39
CA LYS C 151 -33.83 26.35 14.14
C LYS C 151 -34.85 25.84 15.15
N ALA C 152 -35.77 24.97 14.74
CA ALA C 152 -36.84 24.50 15.61
C ALA C 152 -36.46 23.27 16.38
N ASN C 153 -35.29 22.74 16.11
CA ASN C 153 -34.91 21.50 16.73
C ASN C 153 -35.71 20.27 16.38
N ILE C 154 -36.04 20.13 15.11
CA ILE C 154 -36.75 18.97 14.64
C ILE C 154 -35.86 17.95 13.97
N ASN C 155 -35.85 16.75 14.51
CA ASN C 155 -35.15 15.58 13.92
C ASN C 155 -33.64 15.68 13.82
N VAL C 156 -33.05 16.70 14.40
CA VAL C 156 -31.61 16.79 14.38
C VAL C 156 -31.01 15.59 15.13
N GLU C 157 -31.52 15.34 16.34
CA GLU C 157 -31.06 14.21 17.16
C GLU C 157 -31.30 12.88 16.49
N ASN C 158 -32.56 12.67 16.11
CA ASN C 158 -32.99 11.49 15.41
C ASN C 158 -32.10 11.17 14.18
N ALA C 159 -31.82 12.17 13.34
CA ALA C 159 -30.92 12.00 12.18
C ALA C 159 -29.56 11.45 12.59
N PHE C 160 -28.92 12.12 13.55
CA PHE C 160 -27.59 11.72 13.97
C PHE C 160 -27.55 10.36 14.65
N PHE C 161 -28.54 10.05 15.50
CA PHE C 161 -28.61 8.73 16.12
C PHE C 161 -28.87 7.65 15.10
N THR C 162 -29.73 7.94 14.11
CA THR C 162 -30.07 6.97 13.10
C THR C 162 -28.86 6.61 12.26
N LEU C 163 -28.07 7.62 11.89
CA LEU C 163 -26.83 7.42 11.12
C LEU C 163 -25.80 6.62 11.91
N ALA C 164 -25.65 6.99 13.18
CA ALA C 164 -24.70 6.31 14.07
C ALA C 164 -25.09 4.86 14.31
N ARG C 165 -26.39 4.60 14.44
CA ARG C 165 -26.87 3.22 14.59
C ARG C 165 -26.55 2.38 13.37
N ASP C 166 -26.68 2.99 12.18
CA ASP C 166 -26.37 2.33 10.90
C ASP C 166 -24.90 1.94 10.79
N ILE C 167 -24.04 2.83 11.30
CA ILE C 167 -22.60 2.60 11.33
C ILE C 167 -22.27 1.51 12.32
N LYS C 168 -22.89 1.59 13.49
CA LYS C 168 -22.61 0.65 14.58
C LYS C 168 -22.99 -0.77 14.18
N ALA C 169 -24.13 -0.92 13.50
CA ALA C 169 -24.61 -2.25 13.06
C ALA C 169 -23.63 -2.89 12.09
N LYS C 170 -23.17 -2.11 11.13
CA LYS C 170 -22.18 -2.54 10.15
C LYS C 170 -20.93 -3.03 10.88
N MET C 171 -20.54 -2.29 11.91
CA MET C 171 -19.35 -2.59 12.70
C MET C 171 -19.53 -3.83 13.53
N ASP C 172 -20.67 -3.91 14.23
CA ASP C 172 -21.05 -5.06 15.03
C ASP C 172 -21.14 -6.35 14.22
N LYS C 173 -21.07 -6.23 12.90
CA LYS C 173 -21.05 -7.37 12.00
C LYS C 173 -19.61 -7.75 11.62
N TYR D 5 14.16 -13.98 -23.61
CA TYR D 5 14.93 -14.51 -22.47
C TYR D 5 14.98 -13.49 -21.33
N LEU D 6 14.35 -13.82 -20.22
CA LEU D 6 14.45 -13.00 -19.03
C LEU D 6 14.88 -13.90 -17.89
N PHE D 7 16.10 -13.66 -17.36
CA PHE D 7 16.62 -14.47 -16.26
C PHE D 7 16.67 -13.65 -14.96
N LYS D 8 16.02 -14.17 -13.92
CA LYS D 8 16.05 -13.58 -12.61
C LYS D 8 17.19 -14.18 -11.81
N LEU D 9 18.07 -13.30 -11.34
CA LEU D 9 19.25 -13.71 -10.61
C LEU D 9 19.20 -13.12 -9.19
N LEU D 10 19.83 -13.81 -8.23
CA LEU D 10 19.75 -13.38 -6.87
C LEU D 10 21.12 -13.45 -6.24
N LEU D 11 21.52 -12.36 -5.56
CA LEU D 11 22.76 -12.28 -4.77
C LEU D 11 22.48 -12.49 -3.28
N ILE D 12 23.12 -13.48 -2.67
CA ILE D 12 22.96 -13.69 -1.23
C ILE D 12 24.32 -13.90 -0.57
N GLY D 13 24.35 -13.78 0.75
CA GLY D 13 25.59 -13.83 1.54
C GLY D 13 25.57 -12.86 2.72
N ASP D 14 26.53 -13.00 3.63
CA ASP D 14 26.61 -12.14 4.81
C ASP D 14 26.67 -10.66 4.47
N SER D 15 26.27 -9.83 5.44
CA SER D 15 26.40 -8.41 5.30
C SER D 15 27.89 -8.09 5.18
N GLY D 16 28.24 -7.26 4.20
CA GLY D 16 29.60 -6.76 4.09
C GLY D 16 30.49 -7.51 3.11
N VAL D 17 29.99 -8.55 2.48
CA VAL D 17 30.82 -9.37 1.58
C VAL D 17 31.02 -8.74 0.19
N GLY D 18 30.15 -7.82 -0.19
CA GLY D 18 30.33 -7.10 -1.48
C GLY D 18 29.25 -7.37 -2.52
N LYS D 19 28.07 -7.88 -2.08
CA LYS D 19 26.95 -8.09 -2.99
C LYS D 19 26.56 -6.86 -3.80
N THR D 20 26.41 -5.73 -3.13
CA THR D 20 25.94 -4.57 -3.78
C THR D 20 27.03 -4.04 -4.73
N CYS D 21 28.28 -4.06 -4.28
CA CYS D 21 29.40 -3.69 -5.16
C CYS D 21 29.53 -4.63 -6.38
N VAL D 22 29.33 -5.92 -6.16
CA VAL D 22 29.33 -6.85 -7.28
C VAL D 22 28.31 -6.44 -8.31
N LEU D 23 27.09 -6.11 -7.87
CA LEU D 23 26.04 -5.68 -8.81
C LEU D 23 26.32 -4.32 -9.49
N PHE D 24 26.78 -3.37 -8.72
CA PHE D 24 27.16 -2.08 -9.30
C PHE D 24 28.26 -2.27 -10.34
N ARG D 25 29.25 -3.13 -10.06
CA ARG D 25 30.34 -3.37 -11.03
C ARG D 25 29.79 -3.97 -12.34
N PHE D 26 28.97 -5.01 -12.21
CA PHE D 26 28.34 -5.65 -13.37
C PHE D 26 27.35 -4.74 -14.14
N SER D 27 26.57 -3.93 -13.44
CA SER D 27 25.56 -3.11 -14.15
C SER D 27 26.07 -1.75 -14.57
N GLU D 28 27.02 -1.19 -13.83
CA GLU D 28 27.52 0.18 -14.13
C GLU D 28 29.01 0.26 -14.42
N ASP D 29 29.70 -0.87 -14.37
CA ASP D 29 31.16 -0.91 -14.53
C ASP D 29 31.86 0.18 -13.69
N ALA D 30 31.51 0.23 -12.40
CA ALA D 30 32.08 1.28 -11.55
C ALA D 30 32.28 0.70 -10.17
N PHE D 31 32.97 1.45 -9.31
CA PHE D 31 33.08 1.03 -7.92
C PHE D 31 32.93 2.26 -7.05
N ASN D 32 32.06 2.15 -6.06
CA ASN D 32 31.82 3.25 -5.13
C ASN D 32 32.21 2.69 -3.79
N SER D 33 33.19 3.34 -3.17
CA SER D 33 33.69 2.89 -1.87
C SER D 33 32.76 3.28 -0.69
N THR D 34 31.71 4.05 -0.97
CA THR D 34 30.85 4.64 0.09
C THR D 34 29.45 4.02 0.21
N PHE D 35 29.29 2.76 -0.23
CA PHE D 35 27.99 2.10 -0.17
C PHE D 35 27.62 1.72 1.25
N ILE D 36 26.32 1.84 1.49
CA ILE D 36 25.72 1.59 2.76
C ILE D 36 25.14 0.18 2.72
N SER D 37 25.00 -0.42 3.87
CA SER D 37 24.33 -1.72 4.01
C SER D 37 22.95 -1.66 3.38
N THR D 38 22.56 -2.73 2.70
CA THR D 38 21.30 -2.74 2.02
C THR D 38 20.17 -3.07 3.02
N ILE D 39 19.24 -2.13 3.18
CA ILE D 39 18.15 -2.31 4.17
C ILE D 39 16.97 -2.40 3.22
N GLY D 40 16.64 -3.62 2.88
CA GLY D 40 15.64 -3.93 1.85
C GLY D 40 16.16 -4.96 0.84
N ILE D 41 15.56 -4.97 -0.34
CA ILE D 41 16.01 -5.77 -1.47
C ILE D 41 15.85 -4.92 -2.73
N ASP D 42 16.92 -4.85 -3.53
CA ASP D 42 16.95 -4.03 -4.74
C ASP D 42 17.24 -4.89 -5.95
N PHE D 43 17.15 -4.29 -7.14
CA PHE D 43 17.50 -5.05 -8.35
C PHE D 43 17.88 -4.08 -9.44
N LYS D 44 18.67 -4.57 -10.38
CA LYS D 44 19.08 -3.77 -11.51
C LYS D 44 19.01 -4.67 -12.73
N ILE D 45 18.99 -4.07 -13.90
CA ILE D 45 18.87 -4.81 -15.16
C ILE D 45 20.13 -4.65 -16.01
N ARG D 46 20.47 -5.71 -16.72
CA ARG D 46 21.55 -5.70 -17.71
C ARG D 46 21.29 -6.72 -18.80
N THR D 47 21.42 -6.26 -20.04
CA THR D 47 21.13 -7.07 -21.18
C THR D 47 22.42 -7.62 -21.76
N ILE D 48 22.48 -8.94 -21.96
CA ILE D 48 23.67 -9.55 -22.56
C ILE D 48 23.30 -10.30 -23.82
N GLU D 49 24.32 -10.78 -24.57
CA GLU D 49 24.12 -11.61 -25.75
C GLU D 49 24.63 -13.01 -25.48
N LEU D 50 23.77 -14.01 -25.65
CA LEU D 50 24.18 -15.41 -25.56
C LEU D 50 23.72 -16.20 -26.79
N ASP D 51 24.65 -16.88 -27.46
CA ASP D 51 24.41 -17.58 -28.74
C ASP D 51 23.57 -16.70 -29.69
N GLY D 52 23.96 -15.44 -29.79
CA GLY D 52 23.28 -14.48 -30.66
C GLY D 52 21.89 -14.10 -30.20
N LYS D 53 21.44 -14.69 -29.09
CA LYS D 53 20.14 -14.39 -28.53
C LYS D 53 20.30 -13.44 -27.39
N ARG D 54 19.43 -12.44 -27.39
CA ARG D 54 19.49 -11.35 -26.44
C ARG D 54 18.86 -11.77 -25.11
N ILE D 55 19.55 -11.48 -24.01
CA ILE D 55 19.11 -11.97 -22.71
C ILE D 55 19.04 -10.87 -21.67
N LYS D 56 17.85 -10.61 -21.13
CA LYS D 56 17.72 -9.59 -20.10
C LYS D 56 17.93 -10.19 -18.72
N LEU D 57 18.91 -9.67 -17.99
CA LEU D 57 19.18 -10.15 -16.64
C LEU D 57 18.61 -9.18 -15.63
N GLN D 58 17.79 -9.71 -14.73
CA GLN D 58 17.17 -8.90 -13.72
C GLN D 58 17.77 -9.39 -12.41
N ILE D 59 18.71 -8.60 -11.87
CA ILE D 59 19.55 -9.07 -10.76
C ILE D 59 19.12 -8.47 -9.43
N TRP D 60 18.71 -9.35 -8.49
CA TRP D 60 18.24 -8.91 -7.14
C TRP D 60 19.33 -8.96 -6.08
N ASP D 61 19.47 -7.89 -5.32
CA ASP D 61 20.53 -7.75 -4.34
C ASP D 61 19.83 -7.72 -2.98
N THR D 62 20.21 -8.63 -2.09
CA THR D 62 19.50 -8.83 -0.83
C THR D 62 20.27 -8.21 0.35
N ALA D 63 19.57 -7.99 1.46
CA ALA D 63 20.16 -7.56 2.71
C ALA D 63 20.90 -8.71 3.33
N GLY D 64 22.15 -8.56 3.71
CA GLY D 64 22.82 -9.71 4.34
C GLY D 64 22.71 -9.73 5.87
N GLN D 65 22.30 -8.61 6.44
CA GLN D 65 22.18 -8.46 7.88
C GLN D 65 21.24 -9.50 8.47
N GLU D 66 21.65 -10.05 9.61
CA GLU D 66 21.02 -11.23 10.21
C GLU D 66 19.54 -11.01 10.44
N ARG D 67 19.15 -9.82 10.87
CA ARG D 67 17.75 -9.57 11.22
C ARG D 67 16.74 -9.73 10.09
N PHE D 68 17.21 -9.74 8.84
CA PHE D 68 16.32 -9.72 7.68
C PHE D 68 16.36 -11.04 6.93
N ARG D 69 17.11 -11.99 7.49
CA ARG D 69 17.44 -13.21 6.75
C ARG D 69 16.22 -14.06 6.51
N THR D 70 15.34 -14.16 7.48
CA THR D 70 14.16 -15.00 7.27
C THR D 70 13.21 -14.36 6.26
N ILE D 71 13.01 -13.06 6.42
CA ILE D 71 12.15 -12.28 5.53
C ILE D 71 12.65 -12.35 4.09
N THR D 72 13.95 -12.47 3.92
CA THR D 72 14.54 -12.42 2.57
C THR D 72 14.37 -13.74 1.85
N THR D 73 14.15 -14.82 2.61
CA THR D 73 13.92 -16.13 1.99
C THR D 73 12.70 -16.15 1.08
N ALA D 74 11.77 -15.24 1.31
CA ALA D 74 10.61 -15.12 0.44
C ALA D 74 10.99 -14.81 -1.01
N TYR D 75 12.12 -14.15 -1.22
CA TYR D 75 12.47 -13.68 -2.54
C TYR D 75 13.21 -14.75 -3.33
N TYR D 76 13.49 -15.89 -2.71
CA TYR D 76 14.29 -16.98 -3.32
C TYR D 76 13.55 -17.69 -4.44
N ARG D 77 12.24 -17.84 -4.28
CA ARG D 77 11.45 -18.74 -5.15
C ARG D 77 11.54 -18.43 -6.65
N GLY D 78 11.49 -17.14 -6.99
CA GLY D 78 11.52 -16.77 -8.41
C GLY D 78 12.88 -16.93 -9.09
N ALA D 79 13.95 -16.95 -8.28
CA ALA D 79 15.33 -17.00 -8.78
C ALA D 79 15.58 -18.16 -9.73
N MET D 80 16.22 -17.89 -10.86
CA MET D 80 16.66 -18.94 -11.79
C MET D 80 18.13 -19.25 -11.56
N GLY D 81 18.88 -18.26 -11.04
CA GLY D 81 20.26 -18.46 -10.64
C GLY D 81 20.53 -17.69 -9.37
N ILE D 82 21.39 -18.23 -8.51
CA ILE D 82 21.76 -17.55 -7.27
C ILE D 82 23.28 -17.51 -7.10
N MET D 83 23.82 -16.32 -6.79
CA MET D 83 25.22 -16.18 -6.46
C MET D 83 25.31 -16.16 -4.96
N LEU D 84 26.07 -17.08 -4.40
CA LEU D 84 26.34 -17.14 -2.95
C LEU D 84 27.69 -16.49 -2.75
N VAL D 85 27.72 -15.34 -2.08
CA VAL D 85 28.95 -14.54 -1.97
C VAL D 85 29.54 -14.57 -0.57
N TYR D 86 30.86 -14.80 -0.49
CA TYR D 86 31.59 -14.60 0.76
C TYR D 86 32.76 -13.68 0.51
N ASP D 87 33.41 -13.27 1.59
CA ASP D 87 34.50 -12.31 1.53
C ASP D 87 35.75 -13.11 1.89
N ILE D 88 36.72 -13.17 0.97
CA ILE D 88 37.97 -13.97 1.20
C ILE D 88 38.78 -13.49 2.44
N THR D 89 38.52 -12.25 2.88
CA THR D 89 39.14 -11.67 4.07
C THR D 89 38.37 -11.94 5.36
N ASN D 90 37.29 -12.74 5.29
CA ASN D 90 36.40 -12.96 6.40
C ASN D 90 36.00 -14.42 6.47
N GLU D 91 36.75 -15.17 7.27
CA GLU D 91 36.57 -16.59 7.48
C GLU D 91 35.13 -16.93 7.84
N LYS D 92 34.53 -16.11 8.69
CA LYS D 92 33.17 -16.31 9.18
C LYS D 92 32.19 -16.26 8.04
N SER D 93 32.43 -15.37 7.07
CA SER D 93 31.52 -15.27 5.92
C SER D 93 31.58 -16.53 5.07
N PHE D 94 32.77 -17.16 5.03
CA PHE D 94 32.99 -18.41 4.31
C PHE D 94 32.36 -19.62 5.03
N ASP D 95 32.59 -19.68 6.35
CA ASP D 95 31.94 -20.67 7.23
C ASP D 95 30.41 -20.66 7.05
N ASN D 96 29.84 -19.48 6.80
CA ASN D 96 28.42 -19.38 6.66
C ASN D 96 27.87 -19.85 5.31
N ILE D 97 28.73 -20.08 4.33
CA ILE D 97 28.26 -20.55 3.02
C ILE D 97 27.45 -21.86 3.11
N ARG D 98 27.87 -22.76 4.00
CA ARG D 98 27.15 -24.04 4.19
C ARG D 98 25.68 -23.79 4.56
N ASN D 99 25.43 -22.80 5.41
CA ASN D 99 24.05 -22.44 5.75
C ASN D 99 23.30 -21.65 4.69
N TRP D 100 24.00 -20.83 3.90
CA TRP D 100 23.39 -20.18 2.74
C TRP D 100 22.95 -21.24 1.72
N ILE D 101 23.77 -22.25 1.58
CA ILE D 101 23.46 -23.38 0.70
C ILE D 101 22.23 -24.12 1.19
N ARG D 102 22.15 -24.31 2.51
CA ARG D 102 20.99 -24.98 3.06
C ARG D 102 19.76 -24.09 2.91
N ASN D 103 19.94 -22.78 3.11
CA ASN D 103 18.88 -21.80 2.85
C ASN D 103 18.31 -21.91 1.40
N ILE D 104 19.20 -22.02 0.42
CA ILE D 104 18.79 -22.21 -0.99
C ILE D 104 18.07 -23.56 -1.21
N GLU D 105 18.63 -24.64 -0.68
CA GLU D 105 17.99 -25.97 -0.76
C GLU D 105 16.60 -25.97 -0.14
N GLU D 106 16.42 -25.19 0.93
CA GLU D 106 15.17 -25.16 1.64
C GLU D 106 14.15 -24.13 1.12
N HIS D 107 14.59 -23.10 0.41
CA HIS D 107 13.66 -22.07 -0.04
C HIS D 107 13.65 -21.70 -1.52
N ALA D 108 14.70 -22.05 -2.27
CA ALA D 108 14.67 -21.79 -3.70
C ALA D 108 14.12 -23.00 -4.48
N SER D 109 13.99 -22.87 -5.79
CA SER D 109 13.55 -23.99 -6.62
C SER D 109 14.63 -25.05 -6.63
N ALA D 110 14.21 -26.32 -6.64
CA ALA D 110 15.14 -27.46 -6.52
C ALA D 110 16.17 -27.54 -7.64
N ASP D 111 15.88 -26.90 -8.77
CA ASP D 111 16.79 -26.98 -9.92
C ASP D 111 17.48 -25.63 -10.20
N VAL D 112 17.44 -24.73 -9.23
CA VAL D 112 18.05 -23.40 -9.39
C VAL D 112 19.55 -23.56 -9.68
N GLU D 113 20.05 -22.76 -10.61
CA GLU D 113 21.49 -22.76 -10.87
C GLU D 113 22.19 -21.97 -9.76
N LYS D 114 23.40 -22.41 -9.39
CA LYS D 114 24.15 -21.83 -8.27
C LYS D 114 25.58 -21.53 -8.65
N MET D 115 26.19 -20.57 -7.97
CA MET D 115 27.60 -20.30 -8.13
C MET D 115 28.08 -19.68 -6.85
N ILE D 116 29.27 -20.08 -6.39
CA ILE D 116 29.85 -19.44 -5.19
C ILE D 116 30.89 -18.42 -5.61
N LEU D 117 30.87 -17.21 -5.02
CA LEU D 117 31.82 -16.15 -5.35
C LEU D 117 32.65 -15.79 -4.15
N GLY D 118 33.98 -15.93 -4.28
CA GLY D 118 34.93 -15.50 -3.27
C GLY D 118 35.35 -14.07 -3.60
N ASN D 119 34.66 -13.08 -3.01
CA ASN D 119 34.84 -11.67 -3.43
C ASN D 119 35.96 -11.00 -2.64
N LYS D 120 36.45 -9.87 -3.15
CA LYS D 120 37.51 -9.09 -2.48
C LYS D 120 38.87 -9.76 -2.66
N CYS D 121 39.01 -10.50 -3.76
CA CYS D 121 40.27 -11.16 -4.07
C CYS D 121 41.42 -10.16 -4.39
N ASP D 122 41.11 -8.82 -4.33
CA ASP D 122 42.13 -7.79 -4.51
C ASP D 122 42.80 -7.49 -3.19
N VAL D 123 42.28 -8.08 -2.13
CA VAL D 123 42.80 -7.82 -0.80
C VAL D 123 43.64 -8.91 -0.18
N ASN D 124 44.42 -9.55 -1.02
CA ASN D 124 45.26 -10.63 -0.60
C ASN D 124 46.04 -10.48 0.69
N ASP D 125 46.47 -9.28 0.99
CA ASP D 125 47.16 -8.93 2.24
C ASP D 125 46.30 -9.21 3.49
N LYS D 126 44.99 -9.41 3.30
CA LYS D 126 44.08 -9.68 4.43
C LYS D 126 43.26 -10.98 4.29
N ARG D 127 43.63 -11.81 3.32
CA ARG D 127 43.00 -13.09 3.08
C ARG D 127 43.03 -14.01 4.33
N GLN D 128 41.88 -14.64 4.59
CA GLN D 128 41.69 -15.58 5.67
C GLN D 128 41.25 -16.89 5.08
N VAL D 129 40.77 -16.85 3.84
CA VAL D 129 40.27 -18.04 3.18
C VAL D 129 41.09 -18.28 1.94
N SER D 130 41.77 -19.41 1.87
CA SER D 130 42.58 -19.69 0.70
C SER D 130 41.66 -20.06 -0.45
N LYS D 131 42.09 -19.75 -1.67
CA LYS D 131 41.37 -20.13 -2.86
C LYS D 131 41.10 -21.63 -2.88
N GLU D 132 42.12 -22.40 -2.51
CA GLU D 132 42.04 -23.87 -2.49
C GLU D 132 40.91 -24.35 -1.62
N ARG D 133 40.73 -23.74 -0.46
CA ARG D 133 39.64 -24.17 0.41
C ARG D 133 38.31 -23.80 -0.20
N GLY D 134 38.28 -22.68 -0.92
CA GLY D 134 37.04 -22.23 -1.57
C GLY D 134 36.67 -23.18 -2.69
N GLU D 135 37.63 -23.49 -3.54
CA GLU D 135 37.48 -24.46 -4.61
C GLU D 135 37.06 -25.81 -4.06
N LYS D 136 37.68 -26.20 -2.94
CA LYS D 136 37.41 -27.48 -2.34
C LYS D 136 35.96 -27.56 -1.85
N LEU D 137 35.49 -26.52 -1.19
CA LEU D 137 34.13 -26.56 -0.64
C LEU D 137 33.13 -26.64 -1.78
N ALA D 138 33.28 -25.75 -2.76
CA ALA D 138 32.40 -25.71 -3.94
C ALA D 138 32.37 -27.05 -4.68
N LEU D 139 33.52 -27.71 -4.77
CA LEU D 139 33.60 -29.05 -5.39
C LEU D 139 32.78 -30.09 -4.58
N ASP D 140 32.93 -30.09 -3.26
CA ASP D 140 32.15 -30.98 -2.39
C ASP D 140 30.66 -30.89 -2.64
N TYR D 141 30.18 -29.69 -2.96
CA TYR D 141 28.76 -29.48 -3.26
C TYR D 141 28.41 -29.54 -4.75
N GLY D 142 29.41 -29.64 -5.61
CA GLY D 142 29.17 -29.64 -7.05
C GLY D 142 28.63 -28.30 -7.55
N ILE D 143 29.17 -27.21 -7.02
CA ILE D 143 28.72 -25.86 -7.36
C ILE D 143 29.89 -25.16 -8.02
N LYS D 144 29.67 -24.44 -9.13
CA LYS D 144 30.78 -23.71 -9.77
C LYS D 144 31.31 -22.64 -8.78
N PHE D 145 32.59 -22.27 -8.92
CA PHE D 145 33.24 -21.36 -7.99
C PHE D 145 34.10 -20.39 -8.78
N MET D 146 34.12 -19.13 -8.32
CA MET D 146 35.04 -18.13 -8.81
C MET D 146 35.45 -17.18 -7.70
N GLU D 147 36.71 -16.75 -7.73
CA GLU D 147 37.14 -15.61 -6.94
C GLU D 147 36.94 -14.33 -7.75
N THR D 148 36.42 -13.29 -7.10
CA THR D 148 36.06 -12.06 -7.80
C THR D 148 36.58 -10.84 -7.05
N SER D 149 36.59 -9.69 -7.72
CA SER D 149 36.74 -8.42 -7.08
C SER D 149 35.87 -7.40 -7.78
N ALA D 150 34.86 -6.89 -7.05
CA ALA D 150 34.05 -5.79 -7.53
C ALA D 150 34.91 -4.54 -7.67
N LYS D 151 35.87 -4.38 -6.75
CA LYS D 151 36.69 -3.16 -6.77
C LYS D 151 37.62 -3.16 -7.95
N ALA D 152 38.36 -4.26 -8.13
CA ALA D 152 39.39 -4.37 -9.20
C ALA D 152 38.85 -4.86 -10.53
N ASN D 153 37.56 -5.14 -10.60
CA ASN D 153 36.94 -5.62 -11.81
C ASN D 153 37.57 -6.95 -12.22
N ILE D 154 37.52 -7.93 -11.32
CA ILE D 154 38.07 -9.25 -11.61
C ILE D 154 36.96 -10.30 -11.56
N ASN D 155 36.75 -11.01 -12.67
CA ASN D 155 35.85 -12.17 -12.75
C ASN D 155 34.36 -11.87 -12.58
N VAL D 156 33.98 -10.60 -12.49
CA VAL D 156 32.57 -10.28 -12.26
C VAL D 156 31.78 -10.55 -13.52
N GLU D 157 32.27 -10.07 -14.64
CA GLU D 157 31.65 -10.37 -15.92
C GLU D 157 31.61 -11.87 -16.18
N ASN D 158 32.73 -12.55 -15.96
CA ASN D 158 32.82 -13.99 -16.11
C ASN D 158 31.81 -14.78 -15.24
N ALA D 159 31.65 -14.37 -13.98
CA ALA D 159 30.69 -15.04 -13.09
C ALA D 159 29.29 -14.98 -13.68
N PHE D 160 28.84 -13.77 -14.01
CA PHE D 160 27.45 -13.60 -14.52
C PHE D 160 27.16 -14.26 -15.87
N PHE D 161 28.08 -14.10 -16.81
CA PHE D 161 28.04 -14.82 -18.09
C PHE D 161 28.08 -16.34 -17.90
N THR D 162 28.90 -16.81 -16.97
CA THR D 162 28.92 -18.25 -16.68
C THR D 162 27.60 -18.76 -16.10
N LEU D 163 27.06 -18.06 -15.10
CA LEU D 163 25.76 -18.40 -14.53
C LEU D 163 24.63 -18.35 -15.56
N ALA D 164 24.61 -17.29 -16.35
CA ALA D 164 23.56 -17.14 -17.36
C ALA D 164 23.63 -18.24 -18.42
N ARG D 165 24.86 -18.64 -18.76
CA ARG D 165 25.10 -19.73 -19.72
C ARG D 165 24.48 -21.04 -19.24
N ASP D 166 24.74 -21.38 -17.96
CA ASP D 166 24.14 -22.57 -17.28
C ASP D 166 22.63 -22.54 -17.31
N ILE D 167 22.04 -21.37 -17.06
CA ILE D 167 20.58 -21.22 -17.10
C ILE D 167 20.06 -21.45 -18.52
N LYS D 168 20.75 -20.88 -19.50
CA LYS D 168 20.31 -21.00 -20.90
C LYS D 168 20.44 -22.43 -21.45
N ALA D 169 21.50 -23.14 -21.06
CA ALA D 169 21.68 -24.54 -21.44
C ALA D 169 20.50 -25.39 -20.96
N LYS D 170 20.18 -25.29 -19.67
CA LYS D 170 19.03 -25.98 -19.07
C LYS D 170 17.77 -25.70 -19.86
N MET D 171 17.60 -24.42 -20.19
CA MET D 171 16.41 -23.90 -20.84
C MET D 171 16.29 -24.39 -22.28
N ASP D 172 17.42 -24.45 -22.96
CA ASP D 172 17.49 -24.89 -24.36
C ASP D 172 17.18 -26.37 -24.56
N LYS D 173 17.04 -27.11 -23.46
CA LYS D 173 16.68 -28.54 -23.49
C LYS D 173 15.17 -28.74 -23.50
N ASP E 11 25.20 15.01 -36.22
CA ASP E 11 24.43 14.53 -35.04
C ASP E 11 24.61 13.03 -34.78
N SER E 12 23.95 12.52 -33.72
CA SER E 12 23.99 11.12 -33.29
C SER E 12 22.61 10.60 -32.84
N VAL E 13 22.53 9.32 -32.46
CA VAL E 13 21.24 8.64 -32.17
C VAL E 13 20.60 9.14 -30.85
N ARG E 14 19.28 9.39 -30.91
CA ARG E 14 18.57 9.95 -29.78
C ARG E 14 18.01 8.81 -28.91
N ILE E 15 18.90 8.11 -28.25
CA ILE E 15 18.57 6.99 -27.40
C ILE E 15 17.70 7.44 -26.25
N MET E 16 18.01 8.59 -25.66
CA MET E 16 17.24 9.12 -24.52
C MET E 16 15.77 9.34 -24.90
N ASP E 17 15.53 9.80 -26.12
CA ASP E 17 14.16 10.14 -26.58
C ASP E 17 13.37 8.87 -26.83
N ARG E 18 14.02 7.88 -27.44
CA ARG E 18 13.46 6.56 -27.75
C ARG E 18 12.99 5.91 -26.47
N MET E 19 13.87 5.88 -25.48
CA MET E 19 13.57 5.32 -24.18
C MET E 19 12.40 6.06 -23.52
N GLU E 20 12.47 7.39 -23.46
CA GLU E 20 11.47 8.16 -22.73
C GLU E 20 10.10 7.99 -23.43
N ASN E 21 10.08 7.97 -24.76
CA ASN E 21 8.80 7.75 -25.46
C ASN E 21 8.23 6.35 -25.22
N ASP E 22 9.12 5.34 -25.25
CA ASP E 22 8.72 3.95 -25.05
C ASP E 22 8.15 3.69 -23.67
N PHE E 23 8.58 4.49 -22.71
CA PHE E 23 8.16 4.36 -21.33
C PHE E 23 7.02 5.30 -20.90
N LEU E 24 6.40 5.98 -21.88
CA LEU E 24 5.20 6.80 -21.62
C LEU E 24 3.99 5.86 -21.42
N PRO E 25 3.03 6.23 -20.54
CA PRO E 25 1.84 5.38 -20.28
C PRO E 25 1.09 5.11 -21.56
N SER E 26 0.52 3.91 -21.70
CA SER E 26 -0.24 3.61 -22.92
C SER E 26 -1.26 2.53 -22.64
N LEU E 27 -2.43 2.68 -23.25
CA LEU E 27 -3.50 1.69 -23.23
C LEU E 27 -3.94 1.39 -24.66
N GLU E 28 -4.47 0.18 -24.86
CA GLU E 28 -5.17 -0.13 -26.07
C GLU E 28 -6.64 -0.26 -25.72
N LEU E 29 -7.49 0.49 -26.43
CA LEU E 29 -8.93 0.38 -26.25
C LEU E 29 -9.57 -0.46 -27.34
N SER E 30 -10.52 -1.32 -26.95
CA SER E 30 -11.17 -2.21 -27.91
C SER E 30 -12.17 -1.48 -28.81
N ARG E 31 -12.55 -0.28 -28.38
CA ARG E 31 -13.63 0.44 -29.02
C ARG E 31 -13.66 1.87 -28.45
N ARG E 32 -14.05 2.83 -29.28
CA ARG E 32 -14.10 4.25 -28.90
C ARG E 32 -15.41 4.95 -29.30
N GLU E 33 -16.25 4.26 -30.07
CA GLU E 33 -17.52 4.85 -30.52
C GLU E 33 -18.68 3.97 -30.05
N PHE E 34 -19.65 4.56 -29.36
CA PHE E 34 -20.69 3.81 -28.67
C PHE E 34 -22.05 4.34 -29.10
N VAL E 35 -22.97 3.44 -29.47
CA VAL E 35 -24.29 3.84 -29.92
C VAL E 35 -25.33 3.16 -29.04
N PHE E 36 -26.17 3.98 -28.40
CA PHE E 36 -27.24 3.50 -27.54
C PHE E 36 -28.54 3.76 -28.25
N GLU E 37 -29.06 2.72 -28.89
CA GLU E 37 -30.27 2.82 -29.68
C GLU E 37 -31.51 2.68 -28.83
N ASN E 38 -32.50 3.54 -29.09
CA ASN E 38 -33.82 3.46 -28.44
C ASN E 38 -33.77 3.42 -26.92
N VAL E 39 -33.05 4.37 -26.33
CA VAL E 39 -32.98 4.50 -24.89
C VAL E 39 -34.36 4.88 -24.37
N LYS E 40 -34.81 4.22 -23.31
CA LYS E 40 -36.13 4.47 -22.74
C LYS E 40 -36.01 4.97 -21.29
N PHE E 41 -37.12 5.49 -20.76
CA PHE E 41 -37.17 6.00 -19.38
C PHE E 41 -36.97 4.90 -18.35
N ARG E 42 -35.99 5.10 -17.47
CA ARG E 42 -35.67 4.14 -16.40
C ARG E 42 -35.33 2.72 -16.86
N GLN E 43 -34.81 2.62 -18.08
CA GLN E 43 -34.33 1.35 -18.60
C GLN E 43 -32.82 1.44 -18.82
N LEU E 44 -32.11 0.55 -18.12
CA LEU E 44 -30.66 0.49 -18.11
C LEU E 44 -30.15 -0.20 -19.36
N GLN E 45 -29.23 0.47 -20.05
CA GLN E 45 -28.48 -0.11 -21.15
C GLN E 45 -27.00 -0.08 -20.80
N LYS E 46 -26.26 -1.12 -21.18
CA LYS E 46 -24.81 -1.19 -20.93
C LYS E 46 -24.07 -1.57 -22.19
N GLU E 47 -22.98 -0.87 -22.44
CA GLU E 47 -22.08 -1.23 -23.51
C GLU E 47 -20.69 -1.29 -22.93
N LYS E 48 -20.05 -2.45 -23.11
CA LYS E 48 -18.74 -2.65 -22.54
C LYS E 48 -17.63 -2.54 -23.56
N PHE E 49 -16.43 -2.28 -23.06
CA PHE E 49 -15.23 -2.29 -23.88
C PHE E 49 -14.07 -2.67 -22.99
N GLN E 50 -12.96 -3.05 -23.59
CA GLN E 50 -11.80 -3.47 -22.84
C GLN E 50 -10.65 -2.51 -23.04
N ILE E 51 -9.88 -2.32 -21.97
CA ILE E 51 -8.59 -1.61 -22.04
C ILE E 51 -7.49 -2.54 -21.53
N SER E 52 -6.32 -2.43 -22.15
CA SER E 52 -5.12 -3.12 -21.74
C SER E 52 -3.97 -2.13 -21.65
N ASN E 53 -3.17 -2.27 -20.61
CA ASN E 53 -1.89 -1.58 -20.52
C ASN E 53 -0.88 -2.23 -21.46
N ASN E 54 -0.77 -1.65 -22.66
CA ASN E 54 0.21 -2.16 -23.64
C ASN E 54 1.56 -1.44 -23.54
N GLY E 55 1.74 -0.68 -22.47
CA GLY E 55 3.00 0.03 -22.22
C GLY E 55 3.98 -0.76 -21.36
N GLN E 56 5.00 -0.06 -20.89
CA GLN E 56 6.09 -0.67 -20.12
C GLN E 56 6.01 -0.29 -18.64
N VAL E 57 5.08 0.57 -18.29
CA VAL E 57 4.98 1.12 -16.95
C VAL E 57 3.53 0.98 -16.48
N PRO E 58 3.31 0.86 -15.14
CA PRO E 58 1.96 0.83 -14.60
C PRO E 58 1.33 2.14 -14.97
N CYS E 59 0.01 2.17 -15.06
CA CYS E 59 -0.64 3.42 -15.37
C CYS E 59 -1.92 3.65 -14.58
N HIS E 60 -2.12 4.89 -14.13
CA HIS E 60 -3.37 5.24 -13.48
C HIS E 60 -4.26 5.91 -14.52
N PHE E 61 -5.46 5.35 -14.72
CA PHE E 61 -6.43 5.93 -15.65
C PHE E 61 -7.61 6.49 -14.89
N SER E 62 -8.27 7.48 -15.48
CA SER E 62 -9.51 8.06 -14.92
C SER E 62 -10.24 8.88 -15.95
N PHE E 63 -11.58 8.87 -15.91
CA PHE E 63 -12.35 9.77 -16.74
C PHE E 63 -12.37 11.10 -16.03
N ILE E 64 -12.16 12.19 -16.80
CA ILE E 64 -11.95 13.52 -16.22
C ILE E 64 -12.91 14.51 -16.81
N PRO E 65 -13.26 15.57 -16.06
CA PRO E 65 -14.17 16.55 -16.68
C PRO E 65 -13.58 17.24 -17.91
N LYS E 66 -14.45 17.58 -18.86
CA LYS E 66 -14.02 18.25 -20.09
C LYS E 66 -14.25 19.76 -20.01
N LEU E 67 -13.26 20.52 -20.44
CA LEU E 67 -13.35 21.98 -20.41
C LEU E 67 -13.57 22.42 -18.97
N ASN E 68 -14.67 23.11 -18.73
CA ASN E 68 -14.98 23.62 -17.40
C ASN E 68 -16.17 22.93 -16.75
N ASP E 69 -16.35 21.65 -17.06
CA ASP E 69 -17.45 20.87 -16.52
C ASP E 69 -17.13 20.41 -15.10
N SER E 70 -18.18 20.10 -14.34
CA SER E 70 -18.02 19.64 -12.96
C SER E 70 -17.78 18.13 -12.91
N GLN E 71 -18.55 17.39 -13.69
CA GLN E 71 -18.42 15.95 -13.73
C GLN E 71 -17.82 15.47 -15.06
N TYR E 72 -17.43 14.22 -15.14
CA TYR E 72 -16.74 13.73 -16.35
C TYR E 72 -17.74 13.38 -17.44
N CYS E 73 -19.03 13.33 -17.09
CA CYS E 73 -20.07 13.05 -18.09
C CYS E 73 -21.48 13.45 -17.65
N LYS E 74 -22.43 13.34 -18.60
CA LYS E 74 -23.80 13.78 -18.37
C LYS E 74 -24.46 12.87 -17.31
N PRO E 75 -25.52 13.36 -16.65
CA PRO E 75 -26.13 12.59 -15.54
C PRO E 75 -26.66 11.19 -15.88
N TRP E 76 -27.13 11.03 -17.13
CA TRP E 76 -27.68 9.75 -17.56
C TRP E 76 -26.57 8.73 -17.90
N LEU E 77 -25.29 9.12 -17.75
CA LEU E 77 -24.22 8.21 -18.13
C LEU E 77 -23.19 7.98 -17.02
N ARG E 78 -22.67 6.74 -16.94
CA ARG E 78 -21.59 6.41 -16.03
C ARG E 78 -20.60 5.46 -16.66
N ALA E 79 -19.36 5.54 -16.21
CA ALA E 79 -18.38 4.53 -16.56
C ALA E 79 -18.03 3.74 -15.30
N GLU E 80 -17.98 2.42 -15.42
CA GLU E 80 -17.63 1.55 -14.30
C GLU E 80 -16.64 0.46 -14.69
N PRO E 81 -15.44 0.48 -14.07
CA PRO E 81 -14.94 1.50 -13.11
C PRO E 81 -14.65 2.81 -13.84
N PHE E 82 -14.52 3.92 -13.10
CA PHE E 82 -14.26 5.19 -13.74
C PHE E 82 -12.82 5.63 -13.53
N GLU E 83 -12.06 4.87 -12.74
CA GLU E 83 -10.66 5.12 -12.47
C GLU E 83 -10.02 3.81 -12.04
N GLY E 84 -8.70 3.70 -12.19
CA GLY E 84 -8.01 2.53 -11.67
C GLY E 84 -6.56 2.53 -12.03
N TYR E 85 -5.91 1.43 -11.70
CA TYR E 85 -4.49 1.28 -11.81
C TYR E 85 -4.28 -0.05 -12.53
N LEU E 86 -3.52 -0.02 -13.63
CA LEU E 86 -3.29 -1.21 -14.44
C LEU E 86 -1.82 -1.51 -14.53
N GLU E 87 -1.47 -2.76 -14.21
CA GLU E 87 -0.12 -3.25 -14.40
C GLU E 87 0.14 -3.40 -15.88
N PRO E 88 1.42 -3.36 -16.30
CA PRO E 88 1.70 -3.64 -17.70
C PRO E 88 1.10 -4.98 -18.15
N ASN E 89 0.48 -4.99 -19.33
CA ASN E 89 -0.18 -6.19 -19.92
C ASN E 89 -1.50 -6.62 -19.29
N GLU E 90 -1.99 -5.86 -18.31
CA GLU E 90 -3.23 -6.18 -17.62
C GLU E 90 -4.41 -5.65 -18.40
N THR E 91 -5.47 -6.46 -18.52
CA THR E 91 -6.68 -6.07 -19.23
C THR E 91 -7.90 -6.04 -18.30
N VAL E 92 -8.67 -4.95 -18.39
CA VAL E 92 -9.87 -4.84 -17.59
C VAL E 92 -11.03 -4.42 -18.49
N ASP E 93 -12.25 -4.80 -18.10
CA ASP E 93 -13.44 -4.34 -18.80
C ASP E 93 -13.99 -3.08 -18.12
N ILE E 94 -14.53 -2.19 -18.94
CA ILE E 94 -15.21 -1.00 -18.48
C ILE E 94 -16.61 -1.04 -19.08
N SER E 95 -17.60 -0.72 -18.26
CA SER E 95 -18.97 -0.65 -18.72
C SER E 95 -19.44 0.80 -18.80
N LEU E 96 -20.04 1.16 -19.93
CA LEU E 96 -20.70 2.45 -20.08
C LEU E 96 -22.20 2.25 -19.88
N ASP E 97 -22.73 2.89 -18.84
CA ASP E 97 -24.10 2.65 -18.39
C ASP E 97 -25.01 3.83 -18.61
N VAL E 98 -26.13 3.58 -19.30
CA VAL E 98 -27.09 4.61 -19.62
C VAL E 98 -28.40 4.36 -18.87
N TYR E 99 -28.81 5.33 -18.05
CA TYR E 99 -30.05 5.24 -17.29
C TYR E 99 -30.64 6.63 -17.14
N VAL E 100 -31.80 6.83 -17.80
CA VAL E 100 -32.47 8.10 -17.84
C VAL E 100 -33.52 8.10 -16.73
N SER E 101 -33.34 8.99 -15.76
CA SER E 101 -34.32 9.18 -14.70
C SER E 101 -35.12 10.42 -14.99
N LYS E 102 -35.94 10.87 -14.04
CA LYS E 102 -36.84 12.01 -14.30
C LYS E 102 -36.12 13.36 -14.27
N ASP E 103 -34.86 13.38 -13.86
CA ASP E 103 -34.05 14.60 -13.92
C ASP E 103 -33.57 14.91 -15.35
N SER E 104 -33.40 13.86 -16.14
CA SER E 104 -32.88 14.01 -17.50
C SER E 104 -33.98 14.11 -18.57
N VAL E 105 -35.21 13.71 -18.23
CA VAL E 105 -36.28 13.59 -19.23
C VAL E 105 -36.81 14.90 -19.77
N THR E 106 -37.05 15.83 -18.84
CA THR E 106 -37.54 17.17 -19.18
C THR E 106 -36.84 17.76 -20.40
N ILE E 107 -35.51 17.59 -20.46
CA ILE E 107 -34.66 18.10 -21.56
C ILE E 107 -34.46 17.10 -22.71
N LEU E 108 -34.70 15.82 -22.45
CA LEU E 108 -34.58 14.79 -23.49
C LEU E 108 -35.88 14.64 -24.30
N ASN E 109 -37.00 14.94 -23.65
CA ASN E 109 -38.30 15.03 -24.31
C ASN E 109 -38.44 16.37 -25.02
N SER E 110 -38.03 17.44 -24.33
CA SER E 110 -37.97 18.79 -24.91
C SER E 110 -37.09 18.80 -26.17
N GLY E 111 -35.92 18.18 -26.08
CA GLY E 111 -35.01 18.10 -27.22
C GLY E 111 -33.82 19.04 -27.15
N GLU E 112 -33.73 19.82 -26.08
CA GLU E 112 -32.55 20.67 -25.85
C GLU E 112 -31.36 19.86 -25.30
N ASP E 113 -31.55 18.54 -25.20
CA ASP E 113 -30.48 17.57 -24.95
C ASP E 113 -30.78 16.28 -25.73
N LYS E 114 -29.75 15.70 -26.34
CA LYS E 114 -29.91 14.41 -27.00
C LYS E 114 -28.96 13.39 -26.39
N ILE E 115 -29.07 12.15 -26.86
CA ILE E 115 -28.18 11.06 -26.47
C ILE E 115 -26.84 11.21 -27.21
N GLU E 116 -26.03 12.09 -26.64
CA GLU E 116 -24.70 12.38 -27.14
C GLU E 116 -23.83 12.85 -25.99
N ASP E 117 -22.59 12.37 -25.99
CA ASP E 117 -21.59 12.76 -25.02
C ASP E 117 -20.20 12.34 -25.51
N ILE E 118 -19.17 12.92 -24.92
CA ILE E 118 -17.81 12.53 -25.16
C ILE E 118 -17.16 12.31 -23.79
N LEU E 119 -16.48 11.18 -23.63
CA LEU E 119 -15.72 10.88 -22.39
C LEU E 119 -14.25 11.02 -22.71
N VAL E 120 -13.54 11.64 -21.77
CA VAL E 120 -12.11 11.78 -21.82
C VAL E 120 -11.46 10.90 -20.78
N LEU E 121 -10.77 9.87 -21.25
CA LEU E 121 -10.04 8.96 -20.39
C LEU E 121 -8.60 9.44 -20.33
N HIS E 122 -8.13 9.78 -19.13
CA HIS E 122 -6.84 10.38 -18.92
C HIS E 122 -5.87 9.43 -18.25
N LEU E 123 -4.66 9.31 -18.80
CA LEU E 123 -3.59 8.60 -18.09
C LEU E 123 -2.74 9.58 -17.34
N ASP E 124 -2.50 9.33 -16.05
CA ASP E 124 -1.60 10.19 -15.26
C ASP E 124 -0.25 10.31 -15.96
N ARG E 125 0.23 11.55 -16.11
CA ARG E 125 1.49 11.84 -16.78
C ARG E 125 1.55 11.32 -18.23
N GLY E 126 0.38 11.19 -18.87
CA GLY E 126 0.33 10.58 -20.20
C GLY E 126 -0.75 11.22 -21.04
N LYS E 127 -1.10 10.54 -22.14
CA LYS E 127 -2.15 10.97 -23.12
C LYS E 127 -3.59 10.77 -22.65
N ASP E 128 -4.54 11.29 -23.44
CA ASP E 128 -5.98 11.16 -23.21
C ASP E 128 -6.59 10.48 -24.43
N TYR E 129 -7.59 9.61 -24.19
CA TYR E 129 -8.39 8.98 -25.22
C TYR E 129 -9.80 9.54 -25.22
N PHE E 130 -10.37 9.82 -26.39
CA PHE E 130 -11.77 10.28 -26.47
C PHE E 130 -12.68 9.14 -26.87
N LEU E 131 -13.79 8.98 -26.16
CA LEU E 131 -14.82 8.01 -26.48
C LEU E 131 -16.08 8.77 -26.81
N THR E 132 -16.72 8.43 -27.92
CA THR E 132 -17.92 9.16 -28.38
C THR E 132 -19.19 8.34 -28.15
N ILE E 133 -20.20 8.98 -27.55
CA ILE E 133 -21.46 8.33 -27.29
C ILE E 133 -22.52 8.98 -28.17
N SER E 134 -23.24 8.15 -28.92
CA SER E 134 -24.42 8.60 -29.68
C SER E 134 -25.58 7.65 -29.49
N GLY E 135 -26.71 7.96 -30.14
CA GLY E 135 -27.93 7.17 -29.99
C GLY E 135 -29.18 8.01 -29.97
N ASN E 136 -30.28 7.44 -29.50
CA ASN E 136 -31.53 8.18 -29.52
C ASN E 136 -32.42 7.83 -28.34
N TYR E 137 -33.19 8.84 -27.90
CA TYR E 137 -34.11 8.59 -26.82
C TYR E 137 -35.52 8.55 -27.35
N LEU E 138 -36.34 7.68 -26.80
CA LEU E 138 -37.76 7.62 -27.14
C LEU E 138 -38.66 8.09 -26.01
N PRO E 139 -39.13 9.32 -26.15
CA PRO E 139 -39.91 9.94 -25.09
C PRO E 139 -40.97 8.96 -24.70
N SER E 140 -40.85 8.43 -23.50
CA SER E 140 -41.85 7.61 -22.90
C SER E 140 -43.15 8.35 -22.92
N ASP F 11 -27.46 -30.04 30.94
CA ASP F 11 -27.08 -29.34 29.67
C ASP F 11 -26.96 -30.33 28.48
N SER F 12 -26.95 -29.80 27.25
CA SER F 12 -26.92 -30.61 26.01
C SER F 12 -25.53 -31.08 25.53
N VAL F 13 -25.52 -31.93 24.50
CA VAL F 13 -24.29 -32.51 23.91
C VAL F 13 -23.51 -31.52 23.04
N ARG F 14 -22.20 -31.45 23.28
CA ARG F 14 -21.32 -30.51 22.59
C ARG F 14 -20.85 -31.15 21.28
N ILE F 15 -21.81 -31.32 20.37
CA ILE F 15 -21.55 -31.90 19.07
C ILE F 15 -20.53 -31.03 18.30
N MET F 16 -20.61 -29.71 18.46
CA MET F 16 -19.75 -28.84 17.70
C MET F 16 -18.28 -29.04 18.11
N ASP F 17 -18.03 -29.13 19.42
CA ASP F 17 -16.69 -29.39 19.94
C ASP F 17 -16.11 -30.71 19.41
N ARG F 18 -16.96 -31.73 19.35
CA ARG F 18 -16.55 -33.04 18.89
C ARG F 18 -16.17 -33.00 17.40
N MET F 19 -16.96 -32.30 16.58
CA MET F 19 -16.63 -32.14 15.17
C MET F 19 -15.31 -31.41 15.00
N GLU F 20 -15.18 -30.27 15.68
CA GLU F 20 -14.04 -29.41 15.56
C GLU F 20 -12.76 -30.12 15.96
N ASN F 21 -12.76 -30.86 17.07
CA ASN F 21 -11.55 -31.61 17.45
C ASN F 21 -11.27 -32.69 16.42
N ASP F 22 -12.32 -33.36 15.94
CA ASP F 22 -12.14 -34.41 14.93
C ASP F 22 -11.53 -33.87 13.64
N PHE F 23 -11.69 -32.57 13.36
CA PHE F 23 -11.13 -31.99 12.15
C PHE F 23 -9.78 -31.24 12.30
N LEU F 24 -9.14 -31.38 13.45
CA LEU F 24 -7.87 -30.74 13.66
C LEU F 24 -6.85 -31.56 12.89
N PRO F 25 -5.81 -30.91 12.34
CA PRO F 25 -4.80 -31.71 11.62
C PRO F 25 -4.18 -32.81 12.52
N SER F 26 -3.88 -33.96 11.91
CA SER F 26 -3.27 -35.06 12.68
C SER F 26 -2.38 -35.97 11.82
N LEU F 27 -1.25 -36.42 12.38
CA LEU F 27 -0.39 -37.44 11.73
C LEU F 27 -0.22 -38.61 12.67
N GLU F 28 0.04 -39.78 12.10
CA GLU F 28 0.54 -40.90 12.89
C GLU F 28 2.00 -41.06 12.46
N LEU F 29 2.94 -41.13 13.40
CA LEU F 29 4.35 -41.35 13.11
C LEU F 29 4.73 -42.80 13.51
N SER F 30 5.47 -43.53 12.65
CA SER F 30 5.84 -44.91 12.96
C SER F 30 6.88 -44.97 14.07
N ARG F 31 7.61 -43.89 14.27
CA ARG F 31 8.61 -43.85 15.33
C ARG F 31 9.10 -42.41 15.53
N ARG F 32 9.58 -42.14 16.75
CA ARG F 32 9.97 -40.80 17.13
C ARG F 32 11.35 -40.76 17.79
N GLU F 33 11.89 -41.94 18.08
CA GLU F 33 13.21 -42.04 18.70
C GLU F 33 14.16 -42.74 17.69
N PHE F 34 15.29 -42.11 17.40
CA PHE F 34 16.24 -42.59 16.39
C PHE F 34 17.64 -42.68 16.96
N VAL F 35 18.35 -43.78 16.68
CA VAL F 35 19.70 -44.01 17.16
C VAL F 35 20.67 -44.22 15.99
N PHE F 36 21.68 -43.36 15.91
CA PHE F 36 22.71 -43.47 14.91
C PHE F 36 24.00 -43.95 15.61
N GLU F 37 24.17 -45.27 15.65
CA GLU F 37 25.36 -45.88 16.26
C GLU F 37 26.62 -45.70 15.39
N ASN F 38 27.74 -45.38 16.05
CA ASN F 38 29.05 -45.29 15.41
C ASN F 38 29.12 -44.43 14.17
N VAL F 39 28.73 -43.19 14.35
CA VAL F 39 28.86 -42.23 13.27
C VAL F 39 30.33 -41.89 13.04
N LYS F 40 30.71 -41.96 11.76
CA LYS F 40 32.08 -41.71 11.30
C LYS F 40 32.12 -40.52 10.35
N PHE F 41 33.26 -39.83 10.34
CA PHE F 41 33.53 -38.74 9.41
C PHE F 41 33.10 -39.07 7.98
N ARG F 42 32.30 -38.18 7.41
CA ARG F 42 31.90 -38.25 6.00
C ARG F 42 31.37 -39.61 5.55
N GLN F 43 30.64 -40.29 6.42
CA GLN F 43 29.95 -41.49 6.00
C GLN F 43 28.43 -41.40 6.26
N LEU F 44 27.66 -41.54 5.17
CA LEU F 44 26.23 -41.30 5.21
C LEU F 44 25.49 -42.41 5.92
N GLN F 45 24.64 -42.00 6.87
CA GLN F 45 23.82 -42.94 7.62
C GLN F 45 22.40 -42.40 7.60
N LYS F 46 21.47 -43.26 7.19
CA LYS F 46 20.08 -42.89 7.01
C LYS F 46 19.18 -43.75 7.88
N GLU F 47 18.15 -43.12 8.42
CA GLU F 47 17.15 -43.81 9.21
C GLU F 47 15.80 -43.31 8.73
N LYS F 48 14.91 -44.23 8.37
CA LYS F 48 13.62 -43.87 7.78
C LYS F 48 12.48 -44.09 8.76
N PHE F 49 11.40 -43.32 8.60
CA PHE F 49 10.16 -43.58 9.34
C PHE F 49 9.05 -43.15 8.42
N GLN F 50 7.83 -43.45 8.79
CA GLN F 50 6.69 -43.03 7.99
C GLN F 50 5.82 -42.09 8.78
N ILE F 51 5.13 -41.27 8.04
CA ILE F 51 4.08 -40.46 8.60
C ILE F 51 2.88 -40.63 7.69
N SER F 52 1.72 -40.57 8.33
CA SER F 52 0.50 -40.76 7.60
C SER F 52 -0.45 -39.73 8.16
N ASN F 53 -1.22 -39.10 7.27
CA ASN F 53 -2.28 -38.19 7.67
C ASN F 53 -3.48 -39.03 8.15
N ASN F 54 -3.66 -39.09 9.47
CA ASN F 54 -4.73 -39.89 10.04
C ASN F 54 -5.89 -39.03 10.52
N GLY F 55 -5.93 -37.81 10.01
CA GLY F 55 -7.06 -36.93 10.29
C GLY F 55 -8.00 -36.84 9.11
N GLN F 56 -8.86 -35.82 9.12
CA GLN F 56 -9.91 -35.67 8.11
C GLN F 56 -9.67 -34.51 7.16
N VAL F 57 -8.67 -33.68 7.44
CA VAL F 57 -8.31 -32.51 6.60
C VAL F 57 -6.91 -32.66 6.00
N PRO F 58 -6.67 -32.04 4.81
CA PRO F 58 -5.30 -32.08 4.32
C PRO F 58 -4.44 -31.24 5.25
N CYS F 59 -3.17 -31.61 5.37
CA CYS F 59 -2.30 -30.90 6.27
C CYS F 59 -1.04 -30.50 5.57
N HIS F 60 -0.39 -29.50 6.12
CA HIS F 60 0.94 -29.11 5.68
C HIS F 60 1.87 -29.36 6.86
N PHE F 61 2.87 -30.22 6.68
CA PHE F 61 3.86 -30.49 7.71
C PHE F 61 5.21 -29.85 7.37
N SER F 62 5.96 -29.46 8.39
CA SER F 62 7.32 -28.99 8.16
C SER F 62 8.08 -29.12 9.44
N PHE F 63 9.36 -29.41 9.34
CA PHE F 63 10.25 -29.33 10.50
C PHE F 63 10.62 -27.87 10.67
N ILE F 64 10.49 -27.39 11.90
CA ILE F 64 10.70 -25.98 12.18
C ILE F 64 11.80 -25.69 13.22
N PRO F 65 12.42 -24.51 13.14
CA PRO F 65 13.38 -24.14 14.16
C PRO F 65 12.77 -24.15 15.58
N LYS F 66 13.57 -24.54 16.54
CA LYS F 66 13.23 -24.46 17.92
C LYS F 66 13.69 -23.14 18.54
N LEU F 67 12.93 -22.68 19.51
CA LEU F 67 13.29 -21.53 20.31
C LEU F 67 13.76 -20.42 19.38
N ASN F 68 14.96 -19.92 19.55
CA ASN F 68 15.47 -18.90 18.65
C ASN F 68 16.48 -19.37 17.63
N ASP F 69 16.49 -20.65 17.31
CA ASP F 69 17.43 -21.17 16.30
C ASP F 69 17.11 -20.67 14.90
N SER F 70 18.13 -20.68 14.04
CA SER F 70 17.95 -20.22 12.66
C SER F 70 17.52 -21.35 11.74
N GLN F 71 17.86 -22.59 12.11
CA GLN F 71 17.59 -23.76 11.27
C GLN F 71 16.80 -24.82 12.07
N TYR F 72 16.22 -25.80 11.40
CA TYR F 72 15.39 -26.82 12.14
C TYR F 72 16.22 -27.92 12.84
N CYS F 73 17.50 -28.00 12.50
CA CYS F 73 18.40 -28.98 13.13
C CYS F 73 19.89 -28.61 12.96
N LYS F 74 20.74 -29.39 13.63
CA LYS F 74 22.19 -29.24 13.54
C LYS F 74 22.70 -29.53 12.12
N PRO F 75 23.86 -28.98 11.76
CA PRO F 75 24.40 -29.13 10.41
C PRO F 75 24.60 -30.57 9.90
N TRP F 76 24.93 -31.50 10.78
CA TRP F 76 25.23 -32.86 10.36
C TRP F 76 23.96 -33.69 10.11
N LEU F 77 22.78 -33.11 10.36
CA LEU F 77 21.50 -33.84 10.21
C LEU F 77 20.59 -33.16 9.19
N ARG F 78 19.82 -33.95 8.42
CA ARG F 78 18.76 -33.44 7.53
C ARG F 78 17.54 -34.33 7.52
N ALA F 79 16.35 -33.76 7.30
CA ALA F 79 15.17 -34.59 7.09
C ALA F 79 14.81 -34.41 5.63
N GLU F 80 14.51 -35.53 4.96
CA GLU F 80 14.15 -35.51 3.55
C GLU F 80 12.92 -36.36 3.28
N PRO F 81 11.80 -35.73 2.88
CA PRO F 81 11.55 -34.29 2.67
C PRO F 81 11.45 -33.60 4.03
N PHE F 82 11.64 -32.29 4.09
CA PHE F 82 11.55 -31.59 5.37
C PHE F 82 10.23 -30.87 5.53
N GLU F 83 9.40 -30.91 4.46
CA GLU F 83 8.08 -30.31 4.46
C GLU F 83 7.28 -30.98 3.33
N GLY F 84 5.98 -30.83 3.41
CA GLY F 84 5.10 -31.36 2.38
C GLY F 84 3.64 -31.24 2.76
N TYR F 85 2.81 -31.75 1.87
CA TYR F 85 1.37 -31.69 1.99
C TYR F 85 0.88 -33.11 1.88
N LEU F 86 -0.10 -33.44 2.71
CA LEU F 86 -0.63 -34.79 2.72
C LEU F 86 -2.15 -34.76 2.67
N GLU F 87 -2.74 -35.54 1.76
CA GLU F 87 -4.19 -35.65 1.76
C GLU F 87 -4.57 -36.56 2.90
N PRO F 88 -5.84 -36.51 3.37
CA PRO F 88 -6.26 -37.46 4.41
C PRO F 88 -5.92 -38.90 3.98
N ASN F 89 -5.40 -39.70 4.93
CA ASN F 89 -5.01 -41.10 4.69
C ASN F 89 -3.77 -41.33 3.85
N GLU F 90 -3.11 -40.27 3.41
CA GLU F 90 -1.94 -40.40 2.59
C GLU F 90 -0.73 -40.71 3.47
N THR F 91 0.14 -41.58 2.99
CA THR F 91 1.34 -42.01 3.74
C THR F 91 2.62 -41.74 2.95
N VAL F 92 3.61 -41.16 3.61
CA VAL F 92 4.90 -40.84 2.99
C VAL F 92 6.05 -41.30 3.90
N ASP F 93 7.17 -41.64 3.27
CA ASP F 93 8.41 -41.94 3.97
C ASP F 93 9.24 -40.68 4.19
N ILE F 94 9.89 -40.56 5.35
CA ILE F 94 10.79 -39.43 5.62
C ILE F 94 12.12 -40.07 5.98
N SER F 95 13.21 -39.55 5.46
CA SER F 95 14.48 -40.14 5.78
C SER F 95 15.26 -39.14 6.61
N LEU F 96 15.78 -39.58 7.75
CA LEU F 96 16.68 -38.78 8.55
C LEU F 96 18.12 -39.16 8.20
N ASP F 97 18.89 -38.22 7.66
CA ASP F 97 20.22 -38.52 7.14
C ASP F 97 21.25 -37.80 7.98
N VAL F 98 22.26 -38.53 8.43
CA VAL F 98 23.38 -37.96 9.17
C VAL F 98 24.64 -38.05 8.33
N TYR F 99 25.32 -36.91 8.19
CA TYR F 99 26.52 -36.83 7.42
C TYR F 99 27.42 -35.78 8.05
N VAL F 100 28.49 -36.24 8.72
CA VAL F 100 29.42 -35.38 9.41
C VAL F 100 30.54 -34.95 8.45
N SER F 101 30.60 -33.65 8.15
CA SER F 101 31.65 -33.07 7.32
C SER F 101 32.61 -32.27 8.20
N LYS F 102 33.65 -31.73 7.56
CA LYS F 102 34.71 -30.94 8.20
C LYS F 102 34.20 -29.85 9.17
N ASP F 103 33.04 -29.27 8.87
CA ASP F 103 32.47 -28.19 9.69
C ASP F 103 31.94 -28.65 11.05
N SER F 104 31.63 -29.94 11.16
CA SER F 104 31.07 -30.49 12.39
C SER F 104 32.07 -31.29 13.21
N VAL F 105 33.12 -31.82 12.56
CA VAL F 105 34.03 -32.75 13.22
C VAL F 105 34.71 -32.18 14.46
N THR F 106 35.21 -30.96 14.33
CA THR F 106 36.03 -30.36 15.38
C THR F 106 35.33 -30.42 16.74
N ILE F 107 34.09 -29.95 16.81
CA ILE F 107 33.34 -29.93 18.06
C ILE F 107 32.79 -31.31 18.45
N LEU F 108 32.67 -32.22 17.48
CA LEU F 108 32.31 -33.60 17.76
C LEU F 108 33.51 -34.39 18.28
N ASN F 109 34.63 -34.38 17.54
CA ASN F 109 35.89 -35.00 17.97
C ASN F 109 36.24 -34.62 19.40
N SER F 110 36.30 -33.31 19.64
CA SER F 110 36.60 -32.77 20.97
C SER F 110 35.51 -33.11 22.01
N GLY F 111 34.27 -33.26 21.56
CA GLY F 111 33.18 -33.66 22.46
C GLY F 111 32.31 -32.50 22.92
N GLU F 112 32.67 -31.29 22.50
CA GLU F 112 31.81 -30.12 22.69
C GLU F 112 30.37 -30.45 22.25
N ASP F 113 30.24 -30.99 21.03
CA ASP F 113 28.96 -31.48 20.51
C ASP F 113 28.94 -33.01 20.55
N LYS F 114 27.75 -33.58 20.70
CA LYS F 114 27.56 -35.04 20.63
C LYS F 114 26.49 -35.34 19.58
N ILE F 115 26.37 -36.62 19.20
CA ILE F 115 25.27 -37.03 18.32
C ILE F 115 23.94 -37.03 19.08
N GLU F 116 23.34 -35.85 19.15
CA GLU F 116 22.03 -35.70 19.75
C GLU F 116 21.36 -34.47 19.17
N ASP F 117 20.04 -34.56 18.98
CA ASP F 117 19.27 -33.43 18.49
C ASP F 117 17.78 -33.68 18.73
N ILE F 118 16.98 -32.64 18.56
CA ILE F 118 15.54 -32.80 18.65
C ILE F 118 14.95 -32.07 17.45
N LEU F 119 14.07 -32.76 16.73
CA LEU F 119 13.34 -32.16 15.59
C LEU F 119 11.92 -31.91 15.99
N VAL F 120 11.41 -30.75 15.61
CA VAL F 120 10.02 -30.40 15.85
C VAL F 120 9.30 -30.43 14.49
N LEU F 121 8.34 -31.34 14.35
CA LEU F 121 7.54 -31.50 13.17
C LEU F 121 6.21 -30.78 13.44
N HIS F 122 5.97 -29.73 12.68
CA HIS F 122 4.86 -28.83 12.87
C HIS F 122 3.78 -29.05 11.79
N LEU F 123 2.50 -29.02 12.21
CA LEU F 123 1.38 -29.01 11.26
C LEU F 123 0.80 -27.61 11.27
N ASP F 124 0.65 -27.00 10.09
CA ASP F 124 0.01 -25.66 10.01
C ASP F 124 -1.31 -25.67 10.76
N ARG F 125 -1.44 -24.69 11.68
CA ARG F 125 -2.59 -24.51 12.56
C ARG F 125 -2.92 -25.77 13.37
N GLY F 126 -1.89 -26.55 13.67
CA GLY F 126 -2.14 -27.77 14.38
C GLY F 126 -1.06 -27.99 15.41
N LYS F 127 -0.92 -29.23 15.79
CA LYS F 127 0.03 -29.62 16.86
C LYS F 127 1.42 -29.89 16.33
N ASP F 128 2.35 -30.09 17.28
CA ASP F 128 3.72 -30.44 16.95
C ASP F 128 4.11 -31.81 17.52
N TYR F 129 5.01 -32.49 16.82
CA TYR F 129 5.54 -33.80 17.25
C TYR F 129 7.03 -33.66 17.46
N PHE F 130 7.60 -34.26 18.51
CA PHE F 130 9.03 -34.09 18.75
C PHE F 130 9.73 -35.38 18.43
N LEU F 131 10.84 -35.33 17.70
CA LEU F 131 11.60 -36.54 17.32
C LEU F 131 12.96 -36.42 18.00
N THR F 132 13.43 -37.50 18.61
CA THR F 132 14.69 -37.42 19.32
C THR F 132 15.79 -38.18 18.57
N ILE F 133 16.93 -37.54 18.38
CA ILE F 133 18.06 -38.21 17.74
C ILE F 133 19.12 -38.48 18.81
N SER F 134 19.59 -39.74 18.91
CA SER F 134 20.75 -40.03 19.76
C SER F 134 21.77 -40.90 19.00
N GLY F 135 22.90 -41.18 19.63
CA GLY F 135 23.92 -42.01 18.99
C GLY F 135 25.30 -41.65 19.47
N ASN F 136 26.31 -42.08 18.73
CA ASN F 136 27.70 -41.81 19.11
C ASN F 136 28.59 -41.62 17.91
N TYR F 137 29.59 -40.77 18.07
CA TYR F 137 30.47 -40.42 16.98
C TYR F 137 31.83 -41.09 17.22
N LEU F 138 32.42 -41.62 16.15
CA LEU F 138 33.73 -42.25 16.21
C LEU F 138 34.79 -41.34 15.58
N PRO F 139 35.54 -40.62 16.43
CA PRO F 139 36.52 -39.62 16.01
C PRO F 139 37.59 -40.21 15.10
N SER F 140 38.03 -39.40 14.15
CA SER F 140 39.06 -39.76 13.19
C SER F 140 40.44 -39.42 13.74
N GLU G 2 -31.34 5.16 39.39
CA GLU G 2 -32.45 6.14 39.42
C GLU G 2 -32.23 7.17 38.32
N ARG G 3 -33.31 7.86 37.96
CA ARG G 3 -33.27 8.86 36.89
C ARG G 3 -32.37 10.03 37.25
N ARG G 4 -32.27 10.33 38.54
CA ARG G 4 -31.54 11.49 39.02
C ARG G 4 -30.04 11.33 38.84
N TYR G 5 -29.51 10.15 39.18
CA TYR G 5 -28.09 9.89 38.97
C TYR G 5 -27.76 10.01 37.49
N ARG G 6 -28.58 9.34 36.66
CA ARG G 6 -28.42 9.36 35.21
C ARG G 6 -28.50 10.78 34.68
N LYS G 7 -29.45 11.56 35.19
CA LYS G 7 -29.59 12.95 34.78
C LYS G 7 -28.29 13.74 35.04
N VAL G 8 -27.75 13.63 36.26
CA VAL G 8 -26.52 14.36 36.64
C VAL G 8 -25.34 13.94 35.75
N PHE G 9 -25.23 12.64 35.54
CA PHE G 9 -24.21 12.05 34.69
C PHE G 9 -24.30 12.55 33.25
N GLU G 10 -25.49 12.42 32.66
CA GLU G 10 -25.79 12.92 31.32
C GLU G 10 -25.42 14.40 31.21
N ASP G 11 -25.91 15.20 32.16
CA ASP G 11 -25.62 16.65 32.23
C ASP G 11 -24.11 16.94 32.25
N SER G 12 -23.35 16.09 32.95
CA SER G 12 -21.90 16.24 33.05
C SER G 12 -21.23 15.94 31.70
N VAL G 13 -21.62 14.82 31.10
CA VAL G 13 -21.08 14.44 29.79
C VAL G 13 -21.36 15.56 28.79
N ARG G 14 -22.50 16.24 28.96
CA ARG G 14 -22.90 17.35 28.10
C ARG G 14 -21.97 18.54 28.29
N ILE G 15 -21.72 18.92 29.53
CA ILE G 15 -20.84 20.06 29.82
C ILE G 15 -19.41 19.75 29.38
N MET G 16 -18.98 18.50 29.60
CA MET G 16 -17.63 18.10 29.23
C MET G 16 -17.39 18.09 27.73
N ASP G 17 -18.35 17.53 26.97
CA ASP G 17 -18.32 17.60 25.51
C ASP G 17 -18.13 19.05 25.10
N ARG G 18 -18.91 19.93 25.70
CA ARG G 18 -18.88 21.37 25.40
C ARG G 18 -17.51 21.94 25.65
N MET G 19 -16.91 21.54 26.76
CA MET G 19 -15.58 22.02 27.11
C MET G 19 -14.50 21.46 26.17
N GLU G 20 -14.65 20.18 25.81
CA GLU G 20 -13.76 19.54 24.86
C GLU G 20 -13.83 20.26 23.51
N ASN G 21 -15.02 20.66 23.07
CA ASN G 21 -15.13 21.53 21.89
C ASN G 21 -14.48 22.88 22.12
N ASP G 22 -14.66 23.42 23.33
CA ASP G 22 -14.02 24.68 23.70
C ASP G 22 -12.49 24.60 23.69
N PHE G 23 -11.96 23.39 23.82
CA PHE G 23 -10.51 23.17 23.84
C PHE G 23 -9.94 22.63 22.53
N LEU G 24 -10.70 22.82 21.46
CA LEU G 24 -10.26 22.50 20.12
C LEU G 24 -9.49 23.74 19.67
N PRO G 25 -8.43 23.54 18.86
CA PRO G 25 -7.64 24.71 18.48
C PRO G 25 -8.42 25.68 17.57
N SER G 26 -8.13 26.98 17.66
CA SER G 26 -8.87 27.97 16.89
C SER G 26 -7.97 29.15 16.52
N LEU G 27 -8.13 29.66 15.29
CA LEU G 27 -7.46 30.90 14.87
C LEU G 27 -8.47 31.93 14.43
N GLU G 28 -8.09 33.21 14.52
CA GLU G 28 -8.88 34.28 13.91
C GLU G 28 -8.00 34.86 12.81
N LEU G 29 -8.48 34.85 11.57
CA LEU G 29 -7.76 35.52 10.46
C LEU G 29 -8.30 36.90 10.16
N SER G 30 -7.42 37.84 9.88
CA SER G 30 -7.85 39.19 9.57
C SER G 30 -8.51 39.29 8.18
N ARG G 31 -8.10 38.43 7.25
CA ARG G 31 -8.72 38.40 5.94
C ARG G 31 -8.45 37.05 5.28
N ARG G 32 -9.32 36.65 4.37
CA ARG G 32 -9.29 35.33 3.74
C ARG G 32 -9.28 35.41 2.22
N GLU G 33 -9.60 36.59 1.69
CA GLU G 33 -9.69 36.80 0.26
C GLU G 33 -8.62 37.82 -0.15
N PHE G 34 -7.82 37.49 -1.17
CA PHE G 34 -6.72 38.30 -1.59
C PHE G 34 -6.77 38.54 -3.10
N VAL G 35 -6.57 39.78 -3.51
CA VAL G 35 -6.47 40.09 -4.93
C VAL G 35 -5.11 40.72 -5.23
N PHE G 36 -4.48 40.26 -6.31
CA PHE G 36 -3.27 40.90 -6.83
C PHE G 36 -3.63 41.32 -8.24
N GLU G 37 -3.91 42.60 -8.39
CA GLU G 37 -4.38 43.17 -9.64
C GLU G 37 -3.13 43.47 -10.49
N ASN G 38 -3.24 43.24 -11.81
CA ASN G 38 -2.20 43.66 -12.75
C ASN G 38 -0.80 43.20 -12.39
N VAL G 39 -0.72 41.94 -12.00
CA VAL G 39 0.55 41.26 -11.76
C VAL G 39 1.37 41.28 -13.06
N LYS G 40 2.65 41.64 -12.94
CA LYS G 40 3.50 41.82 -14.11
C LYS G 40 4.70 40.93 -13.97
N PHE G 41 5.24 40.55 -15.12
CA PHE G 41 6.45 39.78 -15.23
C PHE G 41 7.52 40.34 -14.30
N ARG G 42 7.99 39.51 -13.37
CA ARG G 42 9.14 39.83 -12.51
C ARG G 42 8.92 40.90 -11.45
N GLN G 43 7.65 41.24 -11.16
CA GLN G 43 7.38 42.35 -10.25
C GLN G 43 6.58 41.93 -9.03
N LEU G 44 7.32 41.78 -7.94
CA LEU G 44 6.79 41.31 -6.67
C LEU G 44 5.65 42.20 -6.19
N GLN G 45 4.57 41.55 -5.74
CA GLN G 45 3.55 42.20 -4.95
C GLN G 45 3.36 41.42 -3.66
N LYS G 46 3.15 42.13 -2.56
CA LYS G 46 2.92 41.46 -1.29
C LYS G 46 1.81 42.06 -0.48
N GLU G 47 1.06 41.16 0.17
CA GLU G 47 -0.10 41.50 0.96
C GLU G 47 0.03 40.75 2.27
N LYS G 48 0.08 41.52 3.36
CA LYS G 48 0.18 40.95 4.69
C LYS G 48 -1.15 40.94 5.46
N PHE G 49 -1.30 39.91 6.28
CA PHE G 49 -2.46 39.80 7.15
C PHE G 49 -2.02 39.29 8.53
N GLN G 50 -2.97 39.11 9.45
CA GLN G 50 -2.65 38.63 10.79
C GLN G 50 -3.46 37.38 11.09
N ILE G 51 -2.85 36.47 11.82
CA ILE G 51 -3.60 35.38 12.44
C ILE G 51 -3.31 35.37 13.93
N SER G 52 -4.34 35.08 14.72
CA SER G 52 -4.21 35.04 16.15
C SER G 52 -4.85 33.76 16.67
N ASN G 53 -4.25 33.19 17.71
CA ASN G 53 -4.84 32.06 18.42
C ASN G 53 -5.92 32.59 19.38
N ASN G 54 -7.17 32.44 18.96
CA ASN G 54 -8.30 32.87 19.79
C ASN G 54 -8.97 31.70 20.52
N GLY G 55 -8.25 30.58 20.66
CA GLY G 55 -8.73 29.40 21.40
C GLY G 55 -8.10 29.35 22.78
N GLN G 56 -8.19 28.19 23.41
CA GLN G 56 -7.69 28.05 24.79
C GLN G 56 -6.44 27.19 24.92
N VAL G 57 -5.91 26.74 23.80
CA VAL G 57 -4.78 25.85 23.78
C VAL G 57 -3.79 26.30 22.72
N PRO G 58 -2.51 26.02 22.94
CA PRO G 58 -1.53 26.34 21.91
C PRO G 58 -1.80 25.53 20.66
N CYS G 59 -1.41 26.04 19.49
CA CYS G 59 -1.66 25.27 18.28
C CYS G 59 -0.56 25.35 17.27
N HIS G 60 -0.48 24.34 16.40
CA HIS G 60 0.44 24.34 15.28
C HIS G 60 -0.33 24.52 13.99
N PHE G 61 0.12 25.49 13.18
CA PHE G 61 -0.53 25.77 11.91
C PHE G 61 0.44 25.61 10.75
N SER G 62 -0.07 25.30 9.56
CA SER G 62 0.75 25.22 8.37
C SER G 62 -0.12 25.21 7.14
N PHE G 63 0.35 25.78 6.03
CA PHE G 63 -0.35 25.61 4.75
C PHE G 63 -0.02 24.21 4.19
N ILE G 64 -1.00 23.56 3.58
CA ILE G 64 -0.83 22.18 3.15
C ILE G 64 -1.34 21.95 1.72
N PRO G 65 -0.71 20.96 1.01
CA PRO G 65 -1.08 20.59 -0.34
C PRO G 65 -2.54 20.12 -0.42
N LYS G 66 -3.25 20.59 -1.46
CA LYS G 66 -4.65 20.19 -1.70
C LYS G 66 -4.72 18.98 -2.59
N LEU G 67 -5.74 18.13 -2.34
CA LEU G 67 -6.02 17.03 -3.24
C LEU G 67 -4.78 16.14 -3.38
N ASN G 68 -4.35 15.86 -4.62
CA ASN G 68 -3.20 15.01 -4.85
C ASN G 68 -1.93 15.81 -5.10
N ASP G 69 -2.01 17.10 -4.84
CA ASP G 69 -0.92 18.03 -5.11
C ASP G 69 0.31 17.73 -4.26
N SER G 70 1.45 18.16 -4.79
CA SER G 70 2.76 18.04 -4.16
C SER G 70 3.07 19.24 -3.27
N GLN G 71 2.76 20.44 -3.77
CA GLN G 71 3.05 21.68 -3.04
C GLN G 71 1.78 22.34 -2.54
N TYR G 72 1.90 23.11 -1.47
CA TYR G 72 0.72 23.78 -0.88
C TYR G 72 0.09 24.88 -1.76
N CYS G 73 0.90 25.43 -2.68
CA CYS G 73 0.45 26.52 -3.56
C CYS G 73 1.15 26.55 -4.92
N LYS G 74 0.60 27.34 -5.86
CA LYS G 74 1.14 27.46 -7.22
C LYS G 74 2.52 28.12 -7.18
N PRO G 75 3.39 27.81 -8.16
CA PRO G 75 4.78 28.32 -8.09
C PRO G 75 4.95 29.85 -8.00
N TRP G 76 4.02 30.62 -8.55
CA TRP G 76 4.08 32.10 -8.52
C TRP G 76 3.57 32.73 -7.22
N LEU G 77 3.10 31.88 -6.32
CA LEU G 77 2.65 32.32 -4.99
C LEU G 77 3.61 31.81 -3.92
N ARG G 78 3.57 32.44 -2.75
CA ARG G 78 4.38 32.07 -1.57
C ARG G 78 3.81 32.74 -0.32
N ALA G 79 3.85 32.04 0.82
CA ALA G 79 3.44 32.59 2.11
C ALA G 79 4.60 32.55 3.10
N GLU G 80 4.79 33.63 3.85
CA GLU G 80 5.83 33.68 4.88
C GLU G 80 5.36 34.28 6.21
N PRO G 81 5.49 33.53 7.31
CA PRO G 81 5.86 32.11 7.40
C PRO G 81 4.77 31.18 6.82
N PHE G 82 5.12 29.92 6.59
CA PHE G 82 4.14 28.95 6.08
C PHE G 82 3.66 28.00 7.17
N GLU G 83 4.31 28.05 8.32
CA GLU G 83 3.97 27.21 9.46
C GLU G 83 4.40 27.90 10.73
N GLY G 84 3.87 27.43 11.87
CA GLY G 84 4.28 27.93 13.17
C GLY G 84 3.50 27.42 14.37
N TYR G 85 3.88 27.89 15.55
CA TYR G 85 3.31 27.46 16.82
C TYR G 85 2.87 28.70 17.57
N LEU G 86 1.62 28.71 18.03
CA LEU G 86 1.04 29.89 18.65
C LEU G 86 0.43 29.54 19.97
N GLU G 87 0.75 30.33 20.98
CA GLU G 87 0.13 30.22 22.29
C GLU G 87 -1.21 30.99 22.29
N PRO G 88 -2.14 30.63 23.19
CA PRO G 88 -3.39 31.38 23.22
C PRO G 88 -3.17 32.90 23.31
N ASN G 89 -3.92 33.63 22.48
CA ASN G 89 -3.87 35.10 22.34
C ASN G 89 -2.61 35.65 21.67
N GLU G 90 -1.79 34.74 21.14
CA GLU G 90 -0.62 35.15 20.38
C GLU G 90 -1.02 35.44 18.92
N THR G 91 -0.40 36.48 18.35
CA THR G 91 -0.64 36.90 16.97
C THR G 91 0.66 36.86 16.15
N VAL G 92 0.52 36.53 14.86
CA VAL G 92 1.63 36.64 13.93
C VAL G 92 1.16 37.19 12.60
N ASP G 93 2.05 37.96 11.98
CA ASP G 93 1.81 38.47 10.64
C ASP G 93 2.23 37.46 9.62
N ILE G 94 1.48 37.40 8.52
CA ILE G 94 1.80 36.53 7.39
C ILE G 94 1.81 37.38 6.12
N SER G 95 2.80 37.19 5.25
CA SER G 95 2.79 37.82 3.93
C SER G 95 2.56 36.82 2.83
N LEU G 96 1.60 37.12 1.95
CA LEU G 96 1.43 36.40 0.69
C LEU G 96 2.10 37.20 -0.43
N ASP G 97 3.07 36.55 -1.09
CA ASP G 97 3.91 37.15 -2.13
C ASP G 97 3.65 36.56 -3.50
N VAL G 98 3.48 37.43 -4.49
CA VAL G 98 3.29 36.98 -5.87
C VAL G 98 4.40 37.48 -6.79
N TYR G 99 5.10 36.52 -7.42
CA TYR G 99 6.17 36.82 -8.37
C TYR G 99 6.15 35.88 -9.54
N VAL G 100 5.76 36.39 -10.69
CA VAL G 100 5.66 35.65 -11.90
C VAL G 100 6.94 35.70 -12.69
N SER G 101 7.59 34.57 -12.88
CA SER G 101 8.76 34.55 -13.76
C SER G 101 8.65 33.59 -14.93
N LYS G 102 9.64 33.63 -15.79
CA LYS G 102 9.67 32.83 -17.00
C LYS G 102 9.19 31.37 -16.88
N ASP G 103 9.26 30.90 -15.67
CA ASP G 103 8.87 29.55 -15.30
C ASP G 103 7.32 29.40 -15.42
N SER G 104 6.59 30.44 -14.95
CA SER G 104 5.11 30.45 -14.97
C SER G 104 4.42 31.42 -15.95
N VAL G 105 5.18 32.25 -16.66
CA VAL G 105 4.60 33.32 -17.51
C VAL G 105 3.52 32.80 -18.48
N THR G 106 3.96 31.95 -19.42
CA THR G 106 3.18 31.30 -20.48
C THR G 106 1.83 30.71 -20.12
N ILE G 107 1.75 30.04 -18.96
CA ILE G 107 0.50 29.43 -18.55
C ILE G 107 -0.47 30.54 -18.12
N LEU G 108 0.07 31.52 -17.37
CA LEU G 108 -0.72 32.61 -16.78
C LEU G 108 -1.32 33.60 -17.76
N ASN G 109 -0.58 33.92 -18.83
CA ASN G 109 -1.11 34.80 -19.89
C ASN G 109 -1.92 34.06 -20.99
N SER G 110 -2.27 32.79 -20.71
CA SER G 110 -3.12 31.98 -21.58
C SER G 110 -4.61 32.22 -21.32
N GLY G 111 -5.30 32.73 -22.34
CA GLY G 111 -6.75 32.97 -22.28
C GLY G 111 -7.15 34.29 -21.65
N GLU G 112 -8.06 34.22 -20.68
CA GLU G 112 -8.61 35.42 -20.01
C GLU G 112 -7.58 36.13 -19.10
N ASP G 113 -6.39 35.53 -18.96
CA ASP G 113 -5.29 36.12 -18.20
C ASP G 113 -5.51 36.13 -16.68
N LYS G 114 -6.57 35.47 -16.23
CA LYS G 114 -6.94 35.47 -14.80
C LYS G 114 -5.96 34.71 -13.92
N ILE G 115 -5.74 35.24 -12.73
CA ILE G 115 -4.98 34.57 -11.67
C ILE G 115 -5.91 34.02 -10.60
N GLU G 116 -5.60 32.82 -10.13
CA GLU G 116 -6.34 32.18 -9.07
C GLU G 116 -5.59 31.02 -8.41
N ASP G 117 -5.72 30.96 -7.09
CA ASP G 117 -5.23 29.86 -6.25
C ASP G 117 -6.03 29.82 -4.93
N ILE G 118 -5.97 28.68 -4.26
CA ILE G 118 -6.58 28.52 -2.94
C ILE G 118 -5.56 27.89 -2.00
N LEU G 119 -5.34 28.50 -0.85
CA LEU G 119 -4.41 27.98 0.15
C LEU G 119 -5.21 27.35 1.27
N VAL G 120 -4.70 26.23 1.78
CA VAL G 120 -5.30 25.55 2.96
C VAL G 120 -4.43 25.70 4.20
N LEU G 121 -4.95 26.41 5.20
CA LEU G 121 -4.28 26.58 6.48
C LEU G 121 -4.90 25.58 7.46
N HIS G 122 -4.04 24.69 7.94
CA HIS G 122 -4.41 23.49 8.69
C HIS G 122 -3.90 23.64 10.11
N LEU G 123 -4.76 23.35 11.09
CA LEU G 123 -4.36 23.22 12.48
C LEU G 123 -4.17 21.74 12.81
N ASP G 124 -3.02 21.38 13.36
CA ASP G 124 -2.75 20.00 13.77
C ASP G 124 -3.89 19.50 14.62
N ARG G 125 -4.52 18.40 14.21
CA ARG G 125 -5.64 17.85 14.98
C ARG G 125 -6.73 18.91 15.19
N GLY G 126 -6.87 19.79 14.21
CA GLY G 126 -7.90 20.80 14.22
C GLY G 126 -8.47 21.03 12.82
N LYS G 127 -9.12 22.17 12.67
CA LYS G 127 -9.85 22.52 11.46
C LYS G 127 -8.96 23.16 10.40
N ASP G 128 -9.54 23.50 9.24
CA ASP G 128 -8.79 24.08 8.13
C ASP G 128 -9.49 25.36 7.71
N TYR G 129 -8.70 26.38 7.36
CA TYR G 129 -9.20 27.67 6.86
C TYR G 129 -8.84 27.78 5.38
N PHE G 130 -9.77 28.20 4.52
CA PHE G 130 -9.40 28.36 3.12
C PHE G 130 -9.15 29.85 2.81
N LEU G 131 -8.07 30.13 2.08
CA LEU G 131 -7.71 31.49 1.67
C LEU G 131 -7.73 31.50 0.15
N THR G 132 -8.41 32.49 -0.45
CA THR G 132 -8.55 32.56 -1.91
C THR G 132 -7.74 33.71 -2.51
N ILE G 133 -6.85 33.38 -3.45
CA ILE G 133 -6.03 34.36 -4.12
C ILE G 133 -6.47 34.47 -5.56
N SER G 134 -6.89 35.67 -5.96
CA SER G 134 -7.30 35.92 -7.35
C SER G 134 -6.57 37.14 -7.94
N GLY G 135 -6.94 37.49 -9.18
CA GLY G 135 -6.33 38.62 -9.89
C GLY G 135 -6.22 38.42 -11.41
N ASN G 136 -5.54 39.35 -12.05
CA ASN G 136 -5.36 39.32 -13.50
C ASN G 136 -3.94 39.72 -13.84
N TYR G 137 -3.31 38.91 -14.67
CA TYR G 137 -1.95 39.10 -15.10
C TYR G 137 -1.92 39.96 -16.37
N LEU G 138 -0.95 40.87 -16.43
CA LEU G 138 -0.73 41.74 -17.58
C LEU G 138 0.46 41.22 -18.37
N PRO G 139 0.21 40.71 -19.61
CA PRO G 139 1.26 40.19 -20.49
C PRO G 139 2.39 41.18 -20.63
N SER G 140 3.62 40.65 -20.61
CA SER G 140 4.83 41.47 -20.70
C SER G 140 5.29 41.61 -22.15
N GLU H 2 31.30 -6.41 -39.11
CA GLU H 2 31.79 -5.01 -38.92
C GLU H 2 32.01 -4.70 -37.44
N ARG H 3 33.27 -4.71 -37.03
CA ARG H 3 33.66 -4.41 -35.65
C ARG H 3 33.16 -3.03 -35.23
N ARG H 4 33.11 -2.09 -36.17
CA ARG H 4 32.68 -0.73 -35.85
C ARG H 4 31.18 -0.67 -35.56
N TYR H 5 30.39 -1.42 -36.33
CA TYR H 5 28.94 -1.51 -36.09
C TYR H 5 28.64 -2.12 -34.73
N ARG H 6 29.32 -3.21 -34.40
CA ARG H 6 29.10 -3.93 -33.14
C ARG H 6 29.48 -3.07 -31.95
N LYS H 7 30.63 -2.41 -32.03
CA LYS H 7 31.07 -1.51 -30.95
C LYS H 7 29.96 -0.50 -30.63
N VAL H 8 29.44 0.16 -31.67
CA VAL H 8 28.36 1.12 -31.54
C VAL H 8 27.08 0.49 -30.95
N PHE H 9 26.72 -0.70 -31.43
CA PHE H 9 25.55 -1.43 -30.92
C PHE H 9 25.69 -1.73 -29.43
N GLU H 10 26.83 -2.31 -29.07
CA GLU H 10 27.14 -2.66 -27.70
C GLU H 10 27.05 -1.41 -26.82
N ASP H 11 27.68 -0.33 -27.26
CA ASP H 11 27.66 0.94 -26.56
C ASP H 11 26.24 1.48 -26.37
N SER H 12 25.41 1.31 -27.39
CA SER H 12 24.00 1.75 -27.38
C SER H 12 23.18 0.96 -26.36
N VAL H 13 23.31 -0.36 -26.39
CA VAL H 13 22.61 -1.21 -25.42
C VAL H 13 22.99 -0.86 -23.99
N ARG H 14 24.26 -0.52 -23.77
CA ARG H 14 24.69 -0.11 -22.42
C ARG H 14 23.98 1.17 -21.95
N ILE H 15 23.89 2.18 -22.81
CA ILE H 15 23.11 3.37 -22.50
C ILE H 15 21.64 3.06 -22.24
N MET H 16 21.06 2.22 -23.09
CA MET H 16 19.67 1.80 -22.93
C MET H 16 19.36 1.12 -21.57
N ASP H 17 20.27 0.26 -21.13
CA ASP H 17 20.13 -0.43 -19.84
C ASP H 17 20.21 0.57 -18.71
N ARG H 18 21.17 1.48 -18.80
CA ARG H 18 21.34 2.53 -17.81
C ARG H 18 20.05 3.33 -17.63
N MET H 19 19.39 3.64 -18.75
CA MET H 19 18.16 4.40 -18.69
C MET H 19 16.99 3.59 -18.16
N GLU H 20 16.97 2.30 -18.47
CA GLU H 20 15.90 1.46 -17.98
C GLU H 20 16.01 1.40 -16.45
N ASN H 21 17.23 1.22 -15.95
CA ASN H 21 17.52 1.27 -14.50
C ASN H 21 17.16 2.62 -13.87
N ASP H 22 17.37 3.72 -14.62
CA ASP H 22 16.99 5.06 -14.14
C ASP H 22 15.49 5.23 -14.04
N PHE H 23 14.73 4.44 -14.80
CA PHE H 23 13.28 4.52 -14.78
C PHE H 23 12.62 3.68 -13.68
N LEU H 24 13.41 2.90 -12.96
CA LEU H 24 12.89 2.05 -11.89
C LEU H 24 12.40 2.96 -10.75
N PRO H 25 11.28 2.57 -10.11
CA PRO H 25 10.71 3.38 -9.04
C PRO H 25 11.70 3.55 -7.87
N SER H 26 11.65 4.69 -7.17
CA SER H 26 12.63 4.93 -6.13
C SER H 26 12.10 5.88 -5.08
N LEU H 27 12.32 5.55 -3.79
CA LEU H 27 12.07 6.46 -2.67
C LEU H 27 13.33 6.70 -1.86
N GLU H 28 13.33 7.83 -1.17
CA GLU H 28 14.30 8.13 -0.12
C GLU H 28 13.49 8.18 1.19
N LEU H 29 13.98 7.48 2.22
CA LEU H 29 13.32 7.39 3.52
C LEU H 29 14.20 8.13 4.48
N SER H 30 13.60 9.00 5.28
CA SER H 30 14.33 9.78 6.25
C SER H 30 14.82 8.97 7.44
N ARG H 31 14.22 7.81 7.66
CA ARG H 31 14.55 7.02 8.83
C ARG H 31 14.08 5.58 8.57
N ARG H 32 14.81 4.58 9.06
CA ARG H 32 14.35 3.19 8.86
C ARG H 32 14.35 2.36 10.13
N GLU H 33 14.97 2.88 11.21
CA GLU H 33 14.98 2.19 12.48
C GLU H 33 14.21 3.00 13.52
N PHE H 34 13.18 2.38 14.12
CA PHE H 34 12.29 3.01 15.08
C PHE H 34 12.35 2.30 16.42
N VAL H 35 12.46 3.05 17.50
CA VAL H 35 12.49 2.42 18.83
C VAL H 35 11.39 3.07 19.67
N PHE H 36 10.52 2.23 20.25
CA PHE H 36 9.41 2.69 21.10
C PHE H 36 9.70 2.19 22.51
N GLU H 37 10.25 3.05 23.37
CA GLU H 37 10.59 2.60 24.73
C GLU H 37 9.38 2.75 25.65
N ASN H 38 9.29 1.86 26.63
CA ASN H 38 8.27 1.90 27.67
C ASN H 38 6.84 2.06 27.14
N VAL H 39 6.50 1.26 26.14
CA VAL H 39 5.13 1.21 25.65
C VAL H 39 4.23 0.72 26.79
N LYS H 40 3.11 1.41 27.03
CA LYS H 40 2.15 0.98 28.05
C LYS H 40 0.79 0.65 27.45
N PHE H 41 0.01 -0.09 28.22
CA PHE H 41 -1.29 -0.56 27.80
C PHE H 41 -2.18 0.61 27.41
N ARG H 42 -2.75 0.56 26.21
CA ARG H 42 -3.66 1.62 25.73
C ARG H 42 -3.08 3.04 25.74
N GLN H 43 -1.76 3.18 25.68
CA GLN H 43 -1.13 4.51 25.54
C GLN H 43 -0.40 4.63 24.20
N LEU H 44 -1.06 5.27 23.25
CA LEU H 44 -0.54 5.57 21.93
C LEU H 44 0.80 6.29 21.92
N GLN H 45 1.75 5.78 21.15
CA GLN H 45 2.98 6.51 20.81
C GLN H 45 3.08 6.55 19.28
N LYS H 46 3.51 7.68 18.75
CA LYS H 46 3.66 7.83 17.32
C LYS H 46 5.00 8.41 16.98
N GLU H 47 5.58 7.89 15.90
CA GLU H 47 6.86 8.36 15.40
C GLU H 47 6.69 8.58 13.94
N LYS H 48 6.98 9.76 13.47
CA LYS H 48 6.75 10.08 12.07
C LYS H 48 8.07 10.25 11.33
N PHE H 49 8.07 9.86 10.07
CA PHE H 49 9.22 9.98 9.16
C PHE H 49 8.71 10.33 7.77
N GLN H 50 9.60 10.75 6.87
CA GLN H 50 9.19 11.11 5.51
C GLN H 50 9.70 10.16 4.45
N ILE H 51 8.87 9.98 3.42
CA ILE H 51 9.32 9.34 2.19
C ILE H 51 9.11 10.28 1.03
N SER H 52 10.07 10.29 0.11
CA SER H 52 10.02 11.15 -1.07
C SER H 52 10.39 10.36 -2.32
N ASN H 53 9.61 10.51 -3.39
CA ASN H 53 9.91 9.88 -4.67
C ASN H 53 11.13 10.62 -5.24
N ASN H 54 12.29 9.97 -5.18
CA ASN H 54 13.52 10.58 -5.72
C ASN H 54 13.91 9.97 -7.08
N GLY H 55 12.90 9.41 -7.76
CA GLY H 55 13.06 8.80 -9.08
C GLY H 55 12.44 9.68 -10.17
N GLN H 56 12.30 9.11 -11.37
CA GLN H 56 11.78 9.88 -12.51
C GLN H 56 10.37 9.47 -12.87
N VAL H 57 9.86 8.42 -12.22
CA VAL H 57 8.54 7.90 -12.52
C VAL H 57 7.68 7.95 -11.26
N PRO H 58 6.34 8.02 -11.43
CA PRO H 58 5.50 8.01 -10.24
C PRO H 58 5.59 6.65 -9.58
N CYS H 59 5.47 6.60 -8.26
CA CYS H 59 5.53 5.28 -7.64
C CYS H 59 4.38 4.93 -6.72
N HIS H 60 3.89 3.72 -6.88
CA HIS H 60 2.83 3.26 -6.03
C HIS H 60 3.46 2.48 -4.88
N PHE H 61 3.30 2.96 -3.67
CA PHE H 61 3.87 2.31 -2.50
C PHE H 61 2.86 1.71 -1.56
N SER H 62 3.32 0.73 -0.80
CA SER H 62 2.49 0.03 0.16
C SER H 62 3.33 -0.82 1.08
N PHE H 63 2.83 -1.09 2.27
CA PHE H 63 3.49 -1.99 3.17
C PHE H 63 2.77 -3.31 2.88
N ILE H 64 3.48 -4.39 2.81
CA ILE H 64 2.89 -5.64 2.37
C ILE H 64 3.17 -6.72 3.39
N PRO H 65 2.36 -7.77 3.37
CA PRO H 65 2.61 -8.88 4.26
C PRO H 65 3.93 -9.54 3.94
N LYS H 66 4.58 -10.04 4.99
CA LYS H 66 5.84 -10.77 4.87
C LYS H 66 5.56 -12.25 4.85
N LEU H 67 6.49 -13.02 4.28
CA LEU H 67 6.42 -14.47 4.30
C LEU H 67 4.98 -14.90 3.98
N ASN H 68 4.38 -15.68 4.84
CA ASN H 68 3.01 -16.10 4.63
C ASN H 68 2.01 -15.46 5.53
N ASP H 69 2.36 -14.32 6.10
CA ASP H 69 1.45 -13.52 6.91
C ASP H 69 0.31 -12.98 6.06
N SER H 70 -0.83 -12.69 6.70
CA SER H 70 -1.98 -12.07 6.02
C SER H 70 -2.03 -10.55 6.16
N GLN H 71 -1.40 -10.02 7.22
CA GLN H 71 -1.33 -8.57 7.48
C GLN H 71 0.11 -8.07 7.37
N TYR H 72 0.31 -6.78 7.08
CA TYR H 72 1.67 -6.22 6.91
C TYR H 72 2.46 -6.02 8.22
N CYS H 73 1.78 -6.08 9.38
CA CYS H 73 2.45 -5.92 10.67
C CYS H 73 1.63 -6.50 11.83
N LYS H 74 2.24 -6.53 13.02
CA LYS H 74 1.57 -7.04 14.21
C LYS H 74 0.40 -6.13 14.57
N PRO H 75 -0.58 -6.66 15.34
CA PRO H 75 -1.78 -5.88 15.61
C PRO H 75 -1.58 -4.59 16.40
N TRP H 76 -0.52 -4.53 17.20
CA TRP H 76 -0.25 -3.34 18.03
C TRP H 76 0.44 -2.21 17.24
N LEU H 77 0.71 -2.47 15.96
CA LEU H 77 1.33 -1.47 15.10
C LEU H 77 0.46 -1.13 13.89
N ARG H 78 0.64 0.09 13.38
CA ARG H 78 0.06 0.45 12.10
C ARG H 78 0.78 1.63 11.52
N ALA H 79 0.74 1.70 10.18
CA ALA H 79 1.39 2.79 9.47
C ALA H 79 0.28 3.63 8.85
N GLU H 80 0.41 4.95 8.94
CA GLU H 80 -0.62 5.87 8.42
C GLU H 80 -0.01 6.99 7.58
N PRO H 81 -0.26 7.01 6.26
CA PRO H 81 -0.97 6.05 5.42
C PRO H 81 -0.13 4.80 5.29
N PHE H 82 -0.77 3.69 4.90
CA PHE H 82 -0.05 2.45 4.67
C PHE H 82 0.14 2.16 3.19
N GLU H 83 -0.43 3.02 2.34
CA GLU H 83 -0.25 2.93 0.88
C GLU H 83 -0.54 4.27 0.24
N GLY H 84 -0.12 4.44 -1.01
CA GLY H 84 -0.23 5.75 -1.67
C GLY H 84 0.47 5.77 -3.02
N TYR H 85 0.44 6.93 -3.66
CA TYR H 85 0.96 7.12 -4.99
C TYR H 85 1.65 8.47 -4.95
N LEU H 86 2.92 8.51 -5.30
CA LEU H 86 3.74 9.72 -5.24
C LEU H 86 4.30 10.05 -6.60
N GLU H 87 4.23 11.33 -6.99
CA GLU H 87 4.88 11.81 -8.19
C GLU H 87 6.36 12.11 -7.93
N PRO H 88 7.17 12.13 -8.98
CA PRO H 88 8.56 12.48 -8.81
C PRO H 88 8.68 13.73 -7.96
N ASN H 89 9.62 13.72 -7.04
CA ASN H 89 9.81 14.82 -6.11
C ASN H 89 8.66 15.12 -5.12
N GLU H 90 7.63 14.28 -5.09
CA GLU H 90 6.62 14.37 -4.04
C GLU H 90 7.14 13.79 -2.71
N THR H 91 6.86 14.45 -1.58
CA THR H 91 7.25 14.01 -0.23
C THR H 91 6.00 13.88 0.63
N VAL H 92 5.93 12.83 1.44
CA VAL H 92 4.79 12.59 2.34
C VAL H 92 5.27 12.16 3.74
N ASP H 93 4.52 12.55 4.77
CA ASP H 93 4.79 12.11 6.13
C ASP H 93 4.09 10.79 6.36
N ILE H 94 4.79 9.84 6.99
CA ILE H 94 4.18 8.59 7.46
C ILE H 94 4.32 8.50 8.99
N SER H 95 3.28 8.02 9.67
CA SER H 95 3.34 7.87 11.09
C SER H 95 3.24 6.41 11.43
N LEU H 96 4.18 5.95 12.26
CA LEU H 96 4.11 4.62 12.84
C LEU H 96 3.50 4.75 14.21
N ASP H 97 2.35 4.09 14.42
CA ASP H 97 1.58 4.23 15.66
C ASP H 97 1.55 2.91 16.39
N VAL H 98 2.00 2.96 17.64
CA VAL H 98 1.94 1.80 18.51
C VAL H 98 0.84 1.99 19.55
N TYR H 99 -0.08 1.02 19.59
CA TYR H 99 -1.21 1.06 20.50
C TYR H 99 -1.55 -0.36 20.93
N VAL H 100 -1.24 -0.68 22.18
CA VAL H 100 -1.48 -2.02 22.72
C VAL H 100 -2.86 -2.03 23.38
N SER H 101 -3.75 -2.88 22.88
CA SER H 101 -5.08 -3.01 23.49
C SER H 101 -5.27 -4.42 24.06
N LYS H 102 -6.45 -4.67 24.62
CA LYS H 102 -6.76 -5.95 25.27
C LYS H 102 -6.34 -7.17 24.44
N ASP H 103 -6.59 -7.13 23.15
CA ASP H 103 -6.31 -8.27 22.31
C ASP H 103 -4.81 -8.53 22.16
N SER H 104 -4.04 -7.46 21.87
CA SER H 104 -2.60 -7.57 21.59
C SER H 104 -1.65 -7.59 22.81
N VAL H 105 -2.20 -7.45 24.02
CA VAL H 105 -1.36 -7.32 25.22
C VAL H 105 -0.76 -8.65 25.67
N THR H 106 -1.60 -9.68 25.67
CA THR H 106 -1.27 -10.95 26.31
C THR H 106 -0.07 -11.71 25.71
N ILE H 107 0.28 -11.49 24.46
CA ILE H 107 1.48 -12.14 23.94
C ILE H 107 2.70 -11.23 24.06
N LEU H 108 2.46 -9.91 24.01
CA LEU H 108 3.48 -8.88 24.09
C LEU H 108 3.94 -8.68 25.53
N ASN H 109 3.05 -8.99 26.46
CA ASN H 109 3.31 -8.96 27.88
C ASN H 109 4.12 -10.15 28.44
N SER H 110 4.67 -10.99 27.56
CA SER H 110 5.42 -12.19 28.00
C SER H 110 6.93 -12.17 27.76
N GLY H 111 7.65 -12.95 28.57
CA GLY H 111 9.09 -13.13 28.41
C GLY H 111 9.87 -11.85 28.66
N GLU H 112 10.76 -11.50 27.74
CA GLU H 112 11.57 -10.29 27.87
C GLU H 112 10.78 -9.01 27.58
N ASP H 113 9.49 -9.16 27.23
CA ASP H 113 8.61 -8.02 26.94
C ASP H 113 9.17 -7.10 25.85
N LYS H 114 9.84 -7.67 24.85
CA LYS H 114 10.39 -6.88 23.74
C LYS H 114 9.31 -6.45 22.73
N ILE H 115 9.43 -5.23 22.26
CA ILE H 115 8.60 -4.73 21.17
C ILE H 115 9.41 -5.06 19.90
N GLU H 116 8.91 -5.93 19.00
CA GLU H 116 9.65 -6.21 17.75
C GLU H 116 8.77 -6.42 16.55
N ASP H 117 9.12 -5.77 15.45
CA ASP H 117 8.44 -5.96 14.16
C ASP H 117 9.31 -5.43 12.99
N ILE H 118 9.08 -5.97 11.80
CA ILE H 118 9.72 -5.44 10.60
C ILE H 118 8.63 -5.16 9.60
N LEU H 119 8.68 -3.97 8.98
CA LEU H 119 7.72 -3.59 7.94
C LEU H 119 8.43 -3.65 6.60
N VAL H 120 7.70 -4.07 5.57
CA VAL H 120 8.27 -4.14 4.22
C VAL H 120 7.49 -3.13 3.41
N LEU H 121 8.13 -2.04 3.01
CA LEU H 121 7.55 -1.04 2.15
C LEU H 121 7.90 -1.42 0.70
N HIS H 122 6.88 -1.74 -0.11
CA HIS H 122 7.04 -2.27 -1.46
C HIS H 122 6.65 -1.21 -2.52
N LEU H 123 7.47 -1.04 -3.56
CA LEU H 123 7.09 -0.17 -4.69
C LEU H 123 6.64 -1.07 -5.81
N ASP H 124 5.47 -0.75 -6.38
CA ASP H 124 4.93 -1.53 -7.50
C ASP H 124 5.92 -1.52 -8.66
N ARG H 125 6.24 -2.72 -9.14
CA ARG H 125 7.23 -2.91 -10.21
C ARG H 125 8.60 -2.39 -9.80
N GLY H 126 8.85 -2.34 -8.48
CA GLY H 126 10.07 -1.76 -7.98
C GLY H 126 10.63 -2.55 -6.81
N LYS H 127 11.57 -1.96 -6.10
CA LYS H 127 12.20 -2.60 -4.96
C LYS H 127 11.39 -2.50 -3.65
N ASP H 128 11.94 -3.11 -2.59
CA ASP H 128 11.33 -3.04 -1.27
C ASP H 128 12.30 -2.39 -0.31
N TYR H 129 11.74 -1.74 0.70
CA TYR H 129 12.54 -1.17 1.80
C TYR H 129 12.15 -1.84 3.10
N PHE H 130 13.12 -2.11 3.99
CA PHE H 130 12.76 -2.67 5.31
C PHE H 130 12.81 -1.62 6.42
N LEU H 131 11.83 -1.61 7.31
CA LEU H 131 11.81 -0.70 8.46
C LEU H 131 11.74 -1.54 9.70
N THR H 132 12.63 -1.28 10.66
CA THR H 132 12.72 -2.10 11.86
C THR H 132 12.09 -1.37 13.06
N ILE H 133 11.26 -2.10 13.79
CA ILE H 133 10.61 -1.53 14.97
C ILE H 133 11.10 -2.29 16.21
N SER H 134 11.62 -1.59 17.19
CA SER H 134 11.99 -2.27 18.44
C SER H 134 11.54 -1.44 19.61
N GLY H 135 11.83 -1.95 20.82
CA GLY H 135 11.50 -1.22 22.05
C GLY H 135 11.09 -2.21 23.13
N ASN H 136 10.33 -1.74 24.11
CA ASN H 136 9.96 -2.58 25.24
C ASN H 136 8.59 -2.25 25.78
N TYR H 137 7.85 -3.28 26.18
CA TYR H 137 6.53 -3.12 26.76
C TYR H 137 6.62 -3.18 28.27
N LEU H 138 5.95 -2.24 28.93
CA LEU H 138 5.99 -2.10 30.37
C LEU H 138 4.67 -2.57 30.96
N PRO H 139 4.64 -3.79 31.51
CA PRO H 139 3.46 -4.37 32.15
C PRO H 139 2.81 -3.46 33.19
N SER H 140 1.48 -3.49 33.19
CA SER H 140 0.64 -2.67 34.06
C SER H 140 0.40 -3.38 35.40
MG MG I . -3.70 12.51 -36.18
PG GNP J . -6.35 13.77 -37.47
O1G GNP J . -7.71 13.17 -37.71
O2G GNP J . -5.63 12.89 -36.42
O3G GNP J . -6.55 15.27 -37.02
N3B GNP J . -5.56 13.72 -38.96
PB GNP J . -3.97 14.06 -39.07
O1B GNP J . -3.87 15.50 -39.25
O2B GNP J . -3.19 13.45 -37.97
O3A GNP J . -3.48 13.35 -40.44
PA GNP J . -2.58 12.03 -40.53
O1A GNP J . -1.20 12.31 -40.09
O2A GNP J . -3.23 10.87 -39.94
O5' GNP J . -2.56 11.77 -42.15
C5' GNP J . -3.81 11.69 -42.95
C4' GNP J . -3.58 11.04 -44.31
O4' GNP J . -2.63 11.83 -45.05
C3' GNP J . -2.94 9.67 -44.09
O3' GNP J . -3.32 8.79 -45.15
C2' GNP J . -1.44 9.98 -44.16
O2' GNP J . -0.67 8.84 -44.57
C1' GNP J . -1.40 11.05 -45.22
N9 GNP J . -0.20 11.91 -45.18
C8 GNP J . 0.28 12.57 -44.12
N7 GNP J . 1.36 13.27 -44.49
C5 GNP J . 1.57 13.05 -45.78
C6 GNP J . 2.53 13.49 -46.69
O6 GNP J . 3.41 14.26 -46.37
N1 GNP J . 2.48 13.15 -48.01
C2 GNP J . 1.48 12.26 -48.41
N2 GNP J . 1.49 11.96 -49.69
N3 GNP J . 0.54 11.83 -47.54
C4 GNP J . 0.57 12.20 -46.24
MG MG K . 0.83 -36.19 28.46
PG GNP L . 3.45 -36.64 30.00
O1G GNP L . 4.75 -37.43 29.86
O2G GNP L . 2.75 -36.55 28.66
O3G GNP L . 3.94 -35.21 30.49
N3B GNP L . 2.57 -37.31 31.23
PB GNP L . 1.12 -36.69 31.62
O1B GNP L . 1.36 -35.68 32.68
O2B GNP L . 0.35 -36.33 30.44
O3A GNP L . 0.42 -37.97 32.35
PA GNP L . -0.66 -38.92 31.73
O1A GNP L . -1.88 -38.16 31.53
O2A GNP L . -0.06 -39.61 30.58
O5' GNP L . -0.90 -39.93 32.92
C5' GNP L . 0.25 -40.63 33.56
C4' GNP L . -0.26 -41.92 34.23
O4' GNP L . -1.13 -41.58 35.35
C3' GNP L . -1.12 -42.77 33.25
O3' GNP L . -0.91 -44.14 33.59
C2' GNP L . -2.53 -42.37 33.64
O2' GNP L . -3.45 -43.45 33.44
C1' GNP L . -2.39 -42.15 35.15
N9 GNP L . -3.33 -41.12 35.68
C8 GNP L . -3.60 -39.90 35.18
N7 GNP L . -4.49 -39.30 35.95
C5 GNP L . -4.89 -40.15 36.90
C6 GNP L . -5.81 -40.08 37.95
O6 GNP L . -6.49 -39.07 38.17
N1 GNP L . -5.91 -41.14 38.83
C2 GNP L . -5.16 -42.29 38.60
N2 GNP L . -5.34 -43.28 39.47
N3 GNP L . -4.28 -42.36 37.56
C4 GNP L . -4.13 -41.32 36.73
MG MG M . -21.45 26.36 7.00
PG GNP N . -22.14 27.18 4.02
O1G GNP N . -21.82 28.31 3.08
O2G GNP N . -21.09 27.23 5.16
O3G GNP N . -22.05 25.80 3.22
N3B GNP N . -23.70 27.31 4.53
PB GNP N . -24.36 26.28 5.55
O1B GNP N . -24.88 25.11 4.83
O2B GNP N . -23.43 26.05 6.67
O3A GNP N . -25.63 27.09 6.04
PA GNP N . -25.75 27.82 7.49
O1A GNP N . -25.83 26.81 8.49
O2A GNP N . -24.73 28.87 7.54
O5' GNP N . -27.22 28.47 7.32
C5' GNP N . -27.57 29.37 6.29
C4' GNP N . -28.86 30.20 6.64
O4' GNP N . -29.92 29.27 6.93
C3' GNP N . -28.59 30.95 7.95
O3' GNP N . -29.27 32.24 7.92
C2' GNP N . -29.21 30.08 9.04
O2' GNP N . -29.75 30.94 10.08
C1' GNP N . -30.38 29.49 8.29
N9 GNP N . -30.90 28.22 8.79
C8 GNP N . -30.19 27.11 8.94
N7 GNP N . -30.99 26.15 9.37
C5 GNP N . -32.23 26.64 9.46
C6 GNP N . -33.44 26.08 9.84
O6 GNP N . -33.53 24.90 10.18
N1 GNP N . -34.58 26.90 9.85
C2 GNP N . -34.48 28.23 9.44
N2 GNP N . -35.59 29.00 9.43
N3 GNP N . -33.30 28.74 9.06
C4 GNP N . -32.18 27.98 9.09
MG MG O . 24.28 -4.36 -0.01
PG GNP P . 24.86 -5.83 2.82
O1G GNP P . 24.71 -5.37 4.22
O2G GNP P . 24.05 -4.93 1.87
O3G GNP P . 24.34 -7.34 2.73
N3B GNP P . 26.49 -5.78 2.43
PB GNP P . 26.95 -6.08 0.91
O1B GNP P . 27.11 -7.56 0.78
O2B GNP P . 26.03 -5.39 0.00
O3A GNP P . 28.43 -5.45 0.86
PA GNP P . 28.78 -4.06 0.04
O1A GNP P . 28.72 -4.26 -1.39
O2A GNP P . 28.05 -2.91 0.61
O5' GNP P . 30.35 -3.99 0.47
C5' GNP P . 30.80 -3.77 1.86
C4' GNP P . 32.20 -3.17 1.91
O4' GNP P . 33.09 -3.96 1.12
C3' GNP P . 32.20 -1.75 1.30
O3' GNP P . 33.14 -0.96 2.08
C2' GNP P . 32.69 -1.99 -0.12
O2' GNP P . 33.41 -0.83 -0.55
C1' GNP P . 33.69 -3.13 0.12
N9 GNP P . 33.94 -3.99 -1.02
C8 GNP P . 33.00 -4.65 -1.74
N7 GNP P . 33.58 -5.34 -2.70
C5 GNP P . 34.91 -5.15 -2.59
C6 GNP P . 35.98 -5.63 -3.31
O6 GNP P . 35.88 -6.39 -4.29
N1 GNP P . 37.27 -5.22 -2.92
C2 GNP P . 37.44 -4.37 -1.84
N2 GNP P . 38.69 -4.01 -1.51
N3 GNP P . 36.39 -3.91 -1.16
C4 GNP P . 35.14 -4.29 -1.51
S SO4 Q . -4.30 8.30 -29.18
O1 SO4 Q . -2.85 8.06 -29.19
O2 SO4 Q . -4.98 7.01 -29.25
O3 SO4 Q . -4.62 9.08 -30.38
O4 SO4 Q . -4.72 9.09 -28.00
S SO4 R . 1.53 -36.17 20.33
O1 SO4 R . 2.59 -36.73 21.18
O2 SO4 R . 1.24 -37.14 19.26
O3 SO4 R . 1.95 -34.84 19.82
O4 SO4 R . 0.27 -36.06 21.09
#